data_1KB1
# 
_entry.id   1KB1 
# 
_audit_conform.dict_name       mmcif_pdbx.dic 
_audit_conform.dict_version    5.392 
_audit_conform.dict_location   http://mmcif.pdb.org/dictionaries/ascii/mmcif_pdbx.dic 
# 
loop_
_database_2.database_id 
_database_2.database_code 
_database_2.pdbx_database_accession 
_database_2.pdbx_DOI 
PDB   1KB1         pdb_00001kb1 10.2210/pdb1kb1/pdb 
RCSB  RCSB014768   ?            ?                   
WWPDB D_1000014768 ?            ?                   
# 
loop_
_pdbx_audit_revision_history.ordinal 
_pdbx_audit_revision_history.data_content_type 
_pdbx_audit_revision_history.major_revision 
_pdbx_audit_revision_history.minor_revision 
_pdbx_audit_revision_history.revision_date 
1 'Structure model' 1 0 2001-11-28 
2 'Structure model' 1 1 2008-04-27 
3 'Structure model' 1 2 2011-07-13 
4 'Structure model' 1 3 2022-02-23 
5 'Structure model' 1 4 2024-05-22 
# 
_pdbx_audit_revision_details.ordinal             1 
_pdbx_audit_revision_details.revision_ordinal    1 
_pdbx_audit_revision_details.data_content_type   'Structure model' 
_pdbx_audit_revision_details.provider            repository 
_pdbx_audit_revision_details.type                'Initial release' 
_pdbx_audit_revision_details.description         ? 
_pdbx_audit_revision_details.details             ? 
# 
loop_
_pdbx_audit_revision_group.ordinal 
_pdbx_audit_revision_group.revision_ordinal 
_pdbx_audit_revision_group.data_content_type 
_pdbx_audit_revision_group.group 
1 2 'Structure model' 'Version format compliance' 
2 3 'Structure model' 'Version format compliance' 
3 4 'Structure model' 'Data collection'           
4 4 'Structure model' 'Database references'       
5 4 'Structure model' 'Derived calculations'      
6 5 'Structure model' 'Data collection'           
# 
loop_
_pdbx_audit_revision_category.ordinal 
_pdbx_audit_revision_category.revision_ordinal 
_pdbx_audit_revision_category.data_content_type 
_pdbx_audit_revision_category.category 
1 4 'Structure model' database_2            
2 4 'Structure model' pdbx_nmr_software     
3 4 'Structure model' pdbx_struct_assembly  
4 4 'Structure model' pdbx_struct_oper_list 
5 4 'Structure model' struct_conn           
6 5 'Structure model' chem_comp_atom        
7 5 'Structure model' chem_comp_bond        
# 
loop_
_pdbx_audit_revision_item.ordinal 
_pdbx_audit_revision_item.revision_ordinal 
_pdbx_audit_revision_item.data_content_type 
_pdbx_audit_revision_item.item 
1 4 'Structure model' '_database_2.pdbx_DOI'                
2 4 'Structure model' '_database_2.pdbx_database_accession' 
3 4 'Structure model' '_pdbx_nmr_software.name'             
4 4 'Structure model' '_struct_conn.pdbx_leaving_atom_flag' 
# 
_pdbx_database_status.status_code                     REL 
_pdbx_database_status.entry_id                        1KB1 
_pdbx_database_status.recvd_initial_deposition_date   2001-11-05 
_pdbx_database_status.deposit_site                    RCSB 
_pdbx_database_status.process_site                    RCSB 
_pdbx_database_status.status_code_mr                  REL 
_pdbx_database_status.SG_entry                        . 
_pdbx_database_status.pdb_format_compatible           Y 
_pdbx_database_status.status_code_sf                  ? 
_pdbx_database_status.status_code_cs                  ? 
_pdbx_database_status.status_code_nmr_data            ? 
_pdbx_database_status.methods_development_category    ? 
# 
_pdbx_database_related.db_name        PDB 
_pdbx_database_related.db_id          1KBM 
_pdbx_database_related.details        'SOLUTION STRUCTURE OF AN 11-MER DNA DUPLEX CONTAINING 6-THIOGUANINE OPPOSITE THYMINE' 
_pdbx_database_related.content_type   unspecified 
# 
loop_
_audit_author.name 
_audit_author.pdbx_ordinal 
'Bohon, J.'           1 
'De Los Santos, C.R.' 2 
# 
_citation.id                        primary 
_citation.title                     'Structural effect of the anticancer agent 6-thioguanine on duplex DNA.' 
_citation.journal_abbrev            'Nucleic Acids Res.' 
_citation.journal_volume            31 
_citation.page_first                1331 
_citation.page_last                 1338 
_citation.year                      2003 
_citation.journal_id_ASTM           NARHAD 
_citation.country                   UK 
_citation.journal_id_ISSN           0305-1048 
_citation.journal_id_CSD            0389 
_citation.book_publisher            ? 
_citation.pdbx_database_id_PubMed   12582253 
_citation.pdbx_database_id_DOI      10.1093/nar/gkg203 
# 
loop_
_citation_author.citation_id 
_citation_author.name 
_citation_author.ordinal 
_citation_author.identifier_ORCID 
primary 'Bohon, J.'           1 ? 
primary 'de los Santos, C.R.' 2 ? 
# 
loop_
_entity.id 
_entity.type 
_entity.src_method 
_entity.pdbx_description 
_entity.formula_weight 
_entity.pdbx_number_of_molecules 
_entity.pdbx_ec 
_entity.pdbx_mutation 
_entity.pdbx_fragment 
_entity.details 
1 polymer syn "5'-D(*CP*GP*TP*AP*CP*(S6G)P*CP*AP*TP*GP*C)-3'" 3350.252 1 ? ? ? ? 
2 polymer syn "5'-D(*GP*CP*AP*TP*GP*CP*GP*TP*AP*CP*G)-3'"     3374.210 1 ? ? ? ? 
# 
loop_
_entity_poly.entity_id 
_entity_poly.type 
_entity_poly.nstd_linkage 
_entity_poly.nstd_monomer 
_entity_poly.pdbx_seq_one_letter_code 
_entity_poly.pdbx_seq_one_letter_code_can 
_entity_poly.pdbx_strand_id 
_entity_poly.pdbx_target_identifier 
1 polydeoxyribonucleotide no yes '(DC)(DG)(DT)(DA)(DC)(S6G)(DC)(DA)(DT)(DG)(DC)' CGTACGCATGC A ? 
2 polydeoxyribonucleotide no no  '(DG)(DC)(DA)(DT)(DG)(DC)(DG)(DT)(DA)(DC)(DG)'  GCATGCGTACG B ? 
# 
loop_
_entity_poly_seq.entity_id 
_entity_poly_seq.num 
_entity_poly_seq.mon_id 
_entity_poly_seq.hetero 
1 1  DC  n 
1 2  DG  n 
1 3  DT  n 
1 4  DA  n 
1 5  DC  n 
1 6  S6G n 
1 7  DC  n 
1 8  DA  n 
1 9  DT  n 
1 10 DG  n 
1 11 DC  n 
2 1  DG  n 
2 2  DC  n 
2 3  DA  n 
2 4  DT  n 
2 5  DG  n 
2 6  DC  n 
2 7  DG  n 
2 8  DT  n 
2 9  DA  n 
2 10 DC  n 
2 11 DG  n 
# 
loop_
_chem_comp.id 
_chem_comp.type 
_chem_comp.mon_nstd_flag 
_chem_comp.name 
_chem_comp.pdbx_synonyms 
_chem_comp.formula 
_chem_comp.formula_weight 
DA  'DNA linking' y "2'-DEOXYADENOSINE-5'-MONOPHOSPHATE"        ? 'C10 H14 N5 O6 P'   331.222 
DC  'DNA linking' y "2'-DEOXYCYTIDINE-5'-MONOPHOSPHATE"         ? 'C9 H14 N3 O7 P'    307.197 
DG  'DNA linking' y "2'-DEOXYGUANOSINE-5'-MONOPHOSPHATE"        ? 'C10 H14 N5 O7 P'   347.221 
DT  'DNA linking' y "THYMIDINE-5'-MONOPHOSPHATE"                ? 'C10 H15 N2 O8 P'   322.208 
S6G 'DNA linking' n "6-THIO-2'-DEOXYGUANOSINE-5'-MONOPHOSPHATE" ? 'C10 H14 N5 O6 P S' 363.287 
# 
loop_
_pdbx_poly_seq_scheme.asym_id 
_pdbx_poly_seq_scheme.entity_id 
_pdbx_poly_seq_scheme.seq_id 
_pdbx_poly_seq_scheme.mon_id 
_pdbx_poly_seq_scheme.ndb_seq_num 
_pdbx_poly_seq_scheme.pdb_seq_num 
_pdbx_poly_seq_scheme.auth_seq_num 
_pdbx_poly_seq_scheme.pdb_mon_id 
_pdbx_poly_seq_scheme.auth_mon_id 
_pdbx_poly_seq_scheme.pdb_strand_id 
_pdbx_poly_seq_scheme.pdb_ins_code 
_pdbx_poly_seq_scheme.hetero 
A 1 1  DC  1  1  1  DC  C   A . n 
A 1 2  DG  2  2  2  DG  G   A . n 
A 1 3  DT  3  3  3  DT  T   A . n 
A 1 4  DA  4  4  4  DA  A   A . n 
A 1 5  DC  5  5  5  DC  C   A . n 
A 1 6  S6G 6  6  6  S6G S6G A . n 
A 1 7  DC  7  7  7  DC  C   A . n 
A 1 8  DA  8  8  8  DA  A   A . n 
A 1 9  DT  9  9  9  DT  T   A . n 
A 1 10 DG  10 10 10 DG  G   A . n 
A 1 11 DC  11 11 11 DC  C   A . n 
B 2 1  DG  1  1  1  DG  G   B . n 
B 2 2  DC  2  2  2  DC  C   B . n 
B 2 3  DA  3  3  3  DA  A   B . n 
B 2 4  DT  4  4  4  DT  T   B . n 
B 2 5  DG  5  5  5  DG  G   B . n 
B 2 6  DC  6  6  6  DC  C   B . n 
B 2 7  DG  7  7  7  DG  G   B . n 
B 2 8  DT  8  8  8  DT  T   B . n 
B 2 9  DA  9  9  9  DA  A   B . n 
B 2 10 DC  10 10 10 DC  C   B . n 
B 2 11 DG  11 11 11 DG  G   B . n 
# 
_cell.entry_id           1KB1 
_cell.length_a           1.000 
_cell.length_b           1.000 
_cell.length_c           1.000 
_cell.angle_alpha        90.00 
_cell.angle_beta         90.00 
_cell.angle_gamma        90.00 
_cell.Z_PDB              1 
_cell.pdbx_unique_axis   ? 
# 
_symmetry.entry_id                         1KB1 
_symmetry.space_group_name_H-M             'P 1' 
_symmetry.pdbx_full_space_group_name_H-M   ? 
_symmetry.cell_setting                     ? 
_symmetry.Int_Tables_number                1 
# 
_exptl.entry_id          1KB1 
_exptl.method            'SOLUTION NMR' 
_exptl.crystals_number   ? 
# 
_exptl_crystal.id                    1 
_exptl_crystal.density_meas          ? 
_exptl_crystal.density_percent_sol   ? 
_exptl_crystal.density_Matthews      ? 
_exptl_crystal.description           ? 
# 
_diffrn.id                     1 
_diffrn.ambient_temp           ? 
_diffrn.ambient_temp_details   ? 
_diffrn.crystal_id             1 
# 
_diffrn_radiation.diffrn_id                        1 
_diffrn_radiation.wavelength_id                    1 
_diffrn_radiation.monochromator                    ? 
_diffrn_radiation.pdbx_monochromatic_or_laue_m_l   M 
_diffrn_radiation.pdbx_diffrn_protocol             'SINGLE WAVELENGTH' 
_diffrn_radiation.pdbx_scattering_type             ? 
# 
_diffrn_radiation_wavelength.id           1 
_diffrn_radiation_wavelength.wavelength   . 
_diffrn_radiation_wavelength.wt           1.0 
# 
_struct.entry_id                  1KB1 
_struct.title                     'SOLUTION STRUCTURE OF AN 11-MER DNA DUPLEX CONTAINING 6-THIOGUANINE OPPOSITE CYTOSINE' 
_struct.pdbx_model_details        ? 
_struct.pdbx_CASP_flag            ? 
_struct.pdbx_model_type_details   ? 
# 
_struct_keywords.entry_id        1KB1 
_struct_keywords.pdbx_keywords   DNA 
_struct_keywords.text            'THIOGUANINE, 6-THIOGUANINE, TG, 6TG, S6G, THIOPURINE, DOUBLE HELIX, B-FORM DNA, DNA' 
# 
loop_
_struct_asym.id 
_struct_asym.pdbx_blank_PDB_chainid_flag 
_struct_asym.pdbx_modified 
_struct_asym.entity_id 
_struct_asym.details 
A N N 1 ? 
B N N 2 ? 
# 
loop_
_struct_ref.id 
_struct_ref.entity_id 
_struct_ref.db_name 
_struct_ref.db_code 
_struct_ref.pdbx_db_accession 
_struct_ref.pdbx_db_isoform 
_struct_ref.pdbx_seq_one_letter_code 
_struct_ref.pdbx_align_begin 
1 1 PDB 1KB1 1KB1 ? ? ? 
2 2 PDB 1KB1 1KB1 ? ? ? 
# 
loop_
_struct_ref_seq.align_id 
_struct_ref_seq.ref_id 
_struct_ref_seq.pdbx_PDB_id_code 
_struct_ref_seq.pdbx_strand_id 
_struct_ref_seq.seq_align_beg 
_struct_ref_seq.pdbx_seq_align_beg_ins_code 
_struct_ref_seq.seq_align_end 
_struct_ref_seq.pdbx_seq_align_end_ins_code 
_struct_ref_seq.pdbx_db_accession 
_struct_ref_seq.db_align_beg 
_struct_ref_seq.pdbx_db_align_beg_ins_code 
_struct_ref_seq.db_align_end 
_struct_ref_seq.pdbx_db_align_end_ins_code 
_struct_ref_seq.pdbx_auth_seq_align_beg 
_struct_ref_seq.pdbx_auth_seq_align_end 
1 1 1KB1 A 1 ? 11 ? 1KB1 1 ? 11 ? 1 11 
2 2 1KB1 B 1 ? 11 ? 1KB1 1 ? 11 ? 1 11 
# 
_pdbx_struct_assembly.id                   1 
_pdbx_struct_assembly.details              author_defined_assembly 
_pdbx_struct_assembly.method_details       ? 
_pdbx_struct_assembly.oligomeric_details   dimeric 
_pdbx_struct_assembly.oligomeric_count     2 
# 
_pdbx_struct_assembly_gen.assembly_id       1 
_pdbx_struct_assembly_gen.oper_expression   1 
_pdbx_struct_assembly_gen.asym_id_list      A,B 
# 
_pdbx_struct_oper_list.id                   1 
_pdbx_struct_oper_list.type                 'identity operation' 
_pdbx_struct_oper_list.name                 1_555 
_pdbx_struct_oper_list.symmetry_operation   x,y,z 
_pdbx_struct_oper_list.matrix[1][1]         1.0000000000 
_pdbx_struct_oper_list.matrix[1][2]         0.0000000000 
_pdbx_struct_oper_list.matrix[1][3]         0.0000000000 
_pdbx_struct_oper_list.vector[1]            0.0000000000 
_pdbx_struct_oper_list.matrix[2][1]         0.0000000000 
_pdbx_struct_oper_list.matrix[2][2]         1.0000000000 
_pdbx_struct_oper_list.matrix[2][3]         0.0000000000 
_pdbx_struct_oper_list.vector[2]            0.0000000000 
_pdbx_struct_oper_list.matrix[3][1]         0.0000000000 
_pdbx_struct_oper_list.matrix[3][2]         0.0000000000 
_pdbx_struct_oper_list.matrix[3][3]         1.0000000000 
_pdbx_struct_oper_list.vector[3]            0.0000000000 
# 
_struct_biol.id   1 
# 
loop_
_struct_conn.id 
_struct_conn.conn_type_id 
_struct_conn.pdbx_leaving_atom_flag 
_struct_conn.pdbx_PDB_id 
_struct_conn.ptnr1_label_asym_id 
_struct_conn.ptnr1_label_comp_id 
_struct_conn.ptnr1_label_seq_id 
_struct_conn.ptnr1_label_atom_id 
_struct_conn.pdbx_ptnr1_label_alt_id 
_struct_conn.pdbx_ptnr1_PDB_ins_code 
_struct_conn.pdbx_ptnr1_standard_comp_id 
_struct_conn.ptnr1_symmetry 
_struct_conn.ptnr2_label_asym_id 
_struct_conn.ptnr2_label_comp_id 
_struct_conn.ptnr2_label_seq_id 
_struct_conn.ptnr2_label_atom_id 
_struct_conn.pdbx_ptnr2_label_alt_id 
_struct_conn.pdbx_ptnr2_PDB_ins_code 
_struct_conn.ptnr1_auth_asym_id 
_struct_conn.ptnr1_auth_comp_id 
_struct_conn.ptnr1_auth_seq_id 
_struct_conn.ptnr2_auth_asym_id 
_struct_conn.ptnr2_auth_comp_id 
_struct_conn.ptnr2_auth_seq_id 
_struct_conn.ptnr2_symmetry 
_struct_conn.pdbx_ptnr3_label_atom_id 
_struct_conn.pdbx_ptnr3_label_seq_id 
_struct_conn.pdbx_ptnr3_label_comp_id 
_struct_conn.pdbx_ptnr3_label_asym_id 
_struct_conn.pdbx_ptnr3_label_alt_id 
_struct_conn.pdbx_ptnr3_PDB_ins_code 
_struct_conn.details 
_struct_conn.pdbx_dist_value 
_struct_conn.pdbx_value_order 
_struct_conn.pdbx_role 
covale1  covale both ? A DC  5  "O3'" ? ? ? 1_555 A S6G 6  P  ? ? A DC  5  A S6G 6  1_555 ? ? ? ? ? ? ?             1.619 ? ? 
covale2  covale both ? A S6G 6  "O3'" ? ? ? 1_555 A DC  7  P  ? ? A S6G 6  A DC  7  1_555 ? ? ? ? ? ? ?             1.618 ? ? 
hydrog1  hydrog ?    ? A DC  1  N3    ? ? ? 1_555 B DG  11 N1 ? ? A DC  1  B DG  11 1_555 ? ? ? ? ? ? WATSON-CRICK  ?     ? ? 
hydrog2  hydrog ?    ? A DC  1  N4    ? ? ? 1_555 B DG  11 O6 ? ? A DC  1  B DG  11 1_555 ? ? ? ? ? ? WATSON-CRICK  ?     ? ? 
hydrog3  hydrog ?    ? A DC  1  O2    ? ? ? 1_555 B DG  11 N2 ? ? A DC  1  B DG  11 1_555 ? ? ? ? ? ? WATSON-CRICK  ?     ? ? 
hydrog4  hydrog ?    ? A DG  2  N1    ? ? ? 1_555 B DC  10 N3 ? ? A DG  2  B DC  10 1_555 ? ? ? ? ? ? WATSON-CRICK  ?     ? ? 
hydrog5  hydrog ?    ? A DG  2  N2    ? ? ? 1_555 B DC  10 O2 ? ? A DG  2  B DC  10 1_555 ? ? ? ? ? ? WATSON-CRICK  ?     ? ? 
hydrog6  hydrog ?    ? A DG  2  O6    ? ? ? 1_555 B DC  10 N4 ? ? A DG  2  B DC  10 1_555 ? ? ? ? ? ? WATSON-CRICK  ?     ? ? 
hydrog7  hydrog ?    ? A DT  3  N3    ? ? ? 1_555 B DA  9  N1 ? ? A DT  3  B DA  9  1_555 ? ? ? ? ? ? WATSON-CRICK  ?     ? ? 
hydrog8  hydrog ?    ? A DT  3  O4    ? ? ? 1_555 B DA  9  N6 ? ? A DT  3  B DA  9  1_555 ? ? ? ? ? ? WATSON-CRICK  ?     ? ? 
hydrog9  hydrog ?    ? A DA  4  N1    ? ? ? 1_555 B DT  8  N3 ? ? A DA  4  B DT  8  1_555 ? ? ? ? ? ? WATSON-CRICK  ?     ? ? 
hydrog10 hydrog ?    ? A DA  4  N6    ? ? ? 1_555 B DT  8  O4 ? ? A DA  4  B DT  8  1_555 ? ? ? ? ? ? WATSON-CRICK  ?     ? ? 
hydrog11 hydrog ?    ? A DC  5  N3    ? ? ? 1_555 B DG  7  N1 ? ? A DC  5  B DG  7  1_555 ? ? ? ? ? ? WATSON-CRICK  ?     ? ? 
hydrog12 hydrog ?    ? A DC  5  N4    ? ? ? 1_555 B DG  7  O6 ? ? A DC  5  B DG  7  1_555 ? ? ? ? ? ? WATSON-CRICK  ?     ? ? 
hydrog13 hydrog ?    ? A DC  5  O2    ? ? ? 1_555 B DG  7  N2 ? ? A DC  5  B DG  7  1_555 ? ? ? ? ? ? WATSON-CRICK  ?     ? ? 
hydrog14 hydrog ?    ? A S6G 6  N1    ? ? ? 1_555 B DC  6  O2 ? ? A S6G 6  B DC  6  1_555 ? ? ? ? ? ? 'S6G-DC PAIR' ?     ? ? 
hydrog15 hydrog ?    ? A DC  7  N3    ? ? ? 1_555 B DG  5  N1 ? ? A DC  7  B DG  5  1_555 ? ? ? ? ? ? WATSON-CRICK  ?     ? ? 
hydrog16 hydrog ?    ? A DC  7  N4    ? ? ? 1_555 B DG  5  O6 ? ? A DC  7  B DG  5  1_555 ? ? ? ? ? ? WATSON-CRICK  ?     ? ? 
hydrog17 hydrog ?    ? A DC  7  O2    ? ? ? 1_555 B DG  5  N2 ? ? A DC  7  B DG  5  1_555 ? ? ? ? ? ? WATSON-CRICK  ?     ? ? 
hydrog18 hydrog ?    ? A DA  8  N1    ? ? ? 1_555 B DT  4  N3 ? ? A DA  8  B DT  4  1_555 ? ? ? ? ? ? WATSON-CRICK  ?     ? ? 
hydrog19 hydrog ?    ? A DA  8  N6    ? ? ? 1_555 B DT  4  O4 ? ? A DA  8  B DT  4  1_555 ? ? ? ? ? ? WATSON-CRICK  ?     ? ? 
hydrog20 hydrog ?    ? A DT  9  N3    ? ? ? 1_555 B DA  3  N1 ? ? A DT  9  B DA  3  1_555 ? ? ? ? ? ? WATSON-CRICK  ?     ? ? 
hydrog21 hydrog ?    ? A DT  9  O4    ? ? ? 1_555 B DA  3  N6 ? ? A DT  9  B DA  3  1_555 ? ? ? ? ? ? WATSON-CRICK  ?     ? ? 
hydrog22 hydrog ?    ? A DG  10 N1    ? ? ? 1_555 B DC  2  N3 ? ? A DG  10 B DC  2  1_555 ? ? ? ? ? ? WATSON-CRICK  ?     ? ? 
hydrog23 hydrog ?    ? A DG  10 N2    ? ? ? 1_555 B DC  2  O2 ? ? A DG  10 B DC  2  1_555 ? ? ? ? ? ? WATSON-CRICK  ?     ? ? 
hydrog24 hydrog ?    ? A DG  10 O6    ? ? ? 1_555 B DC  2  N4 ? ? A DG  10 B DC  2  1_555 ? ? ? ? ? ? WATSON-CRICK  ?     ? ? 
hydrog25 hydrog ?    ? A DC  11 N3    ? ? ? 1_555 B DG  1  N1 ? ? A DC  11 B DG  1  1_555 ? ? ? ? ? ? WATSON-CRICK  ?     ? ? 
hydrog26 hydrog ?    ? A DC  11 N4    ? ? ? 1_555 B DG  1  O6 ? ? A DC  11 B DG  1  1_555 ? ? ? ? ? ? WATSON-CRICK  ?     ? ? 
hydrog27 hydrog ?    ? A DC  11 O2    ? ? ? 1_555 B DG  1  N2 ? ? A DC  11 B DG  1  1_555 ? ? ? ? ? ? WATSON-CRICK  ?     ? ? 
# 
loop_
_struct_conn_type.id 
_struct_conn_type.criteria 
_struct_conn_type.reference 
covale ? ? 
hydrog ? ? 
# 
loop_
_pdbx_validate_rmsd_bond.id 
_pdbx_validate_rmsd_bond.PDB_model_num 
_pdbx_validate_rmsd_bond.auth_atom_id_1 
_pdbx_validate_rmsd_bond.auth_asym_id_1 
_pdbx_validate_rmsd_bond.auth_comp_id_1 
_pdbx_validate_rmsd_bond.auth_seq_id_1 
_pdbx_validate_rmsd_bond.PDB_ins_code_1 
_pdbx_validate_rmsd_bond.label_alt_id_1 
_pdbx_validate_rmsd_bond.auth_atom_id_2 
_pdbx_validate_rmsd_bond.auth_asym_id_2 
_pdbx_validate_rmsd_bond.auth_comp_id_2 
_pdbx_validate_rmsd_bond.auth_seq_id_2 
_pdbx_validate_rmsd_bond.PDB_ins_code_2 
_pdbx_validate_rmsd_bond.label_alt_id_2 
_pdbx_validate_rmsd_bond.bond_value 
_pdbx_validate_rmsd_bond.bond_target_value 
_pdbx_validate_rmsd_bond.bond_deviation 
_pdbx_validate_rmsd_bond.bond_standard_deviation 
_pdbx_validate_rmsd_bond.linker_flag 
1  1 C4 A DC 1  ? ? N4 A DC 1  ? ? 1.430 1.335 0.095 0.009 N 
2  1 C2 A DG 2  ? ? N2 A DG 2  ? ? 1.422 1.341 0.081 0.010 N 
3  1 C5 A DT 3  ? ? C7 A DT 3  ? ? 1.533 1.496 0.037 0.006 N 
4  1 C6 A DA 4  ? ? N6 A DA 4  ? ? 1.429 1.335 0.094 0.008 N 
5  1 C4 A DC 5  ? ? N4 A DC 5  ? ? 1.429 1.335 0.094 0.009 N 
6  1 C4 A DC 7  ? ? N4 A DC 7  ? ? 1.430 1.335 0.095 0.009 N 
7  1 C6 A DA 8  ? ? N6 A DA 8  ? ? 1.429 1.335 0.094 0.008 N 
8  1 C5 A DT 9  ? ? C7 A DT 9  ? ? 1.533 1.496 0.037 0.006 N 
9  1 C2 A DG 10 ? ? N2 A DG 10 ? ? 1.420 1.341 0.079 0.010 N 
10 1 C4 A DC 11 ? ? N4 A DC 11 ? ? 1.429 1.335 0.094 0.009 N 
11 1 C2 B DG 1  ? ? N2 B DG 1  ? ? 1.420 1.341 0.079 0.010 N 
12 1 C4 B DC 2  ? ? N4 B DC 2  ? ? 1.429 1.335 0.094 0.009 N 
13 1 C6 B DA 3  ? ? N6 B DA 3  ? ? 1.428 1.335 0.093 0.008 N 
14 1 C5 B DT 4  ? ? C7 B DT 4  ? ? 1.533 1.496 0.037 0.006 N 
15 1 C2 B DG 5  ? ? N2 B DG 5  ? ? 1.421 1.341 0.080 0.010 N 
16 1 C4 B DC 6  ? ? N4 B DC 6  ? ? 1.429 1.335 0.094 0.009 N 
17 1 C2 B DG 7  ? ? N2 B DG 7  ? ? 1.424 1.341 0.083 0.010 N 
18 1 C5 B DT 8  ? ? C7 B DT 8  ? ? 1.533 1.496 0.037 0.006 N 
19 1 C6 B DA 9  ? ? N6 B DA 9  ? ? 1.428 1.335 0.093 0.008 N 
20 1 C4 B DC 10 ? ? N4 B DC 10 ? ? 1.431 1.335 0.096 0.009 N 
21 1 C2 B DG 11 ? ? N2 B DG 11 ? ? 1.427 1.341 0.086 0.010 N 
# 
loop_
_pdbx_validate_rmsd_angle.id 
_pdbx_validate_rmsd_angle.PDB_model_num 
_pdbx_validate_rmsd_angle.auth_atom_id_1 
_pdbx_validate_rmsd_angle.auth_asym_id_1 
_pdbx_validate_rmsd_angle.auth_comp_id_1 
_pdbx_validate_rmsd_angle.auth_seq_id_1 
_pdbx_validate_rmsd_angle.PDB_ins_code_1 
_pdbx_validate_rmsd_angle.label_alt_id_1 
_pdbx_validate_rmsd_angle.auth_atom_id_2 
_pdbx_validate_rmsd_angle.auth_asym_id_2 
_pdbx_validate_rmsd_angle.auth_comp_id_2 
_pdbx_validate_rmsd_angle.auth_seq_id_2 
_pdbx_validate_rmsd_angle.PDB_ins_code_2 
_pdbx_validate_rmsd_angle.label_alt_id_2 
_pdbx_validate_rmsd_angle.auth_atom_id_3 
_pdbx_validate_rmsd_angle.auth_asym_id_3 
_pdbx_validate_rmsd_angle.auth_comp_id_3 
_pdbx_validate_rmsd_angle.auth_seq_id_3 
_pdbx_validate_rmsd_angle.PDB_ins_code_3 
_pdbx_validate_rmsd_angle.label_alt_id_3 
_pdbx_validate_rmsd_angle.angle_value 
_pdbx_validate_rmsd_angle.angle_target_value 
_pdbx_validate_rmsd_angle.angle_deviation 
_pdbx_validate_rmsd_angle.angle_standard_deviation 
_pdbx_validate_rmsd_angle.linker_flag 
1  1 "O4'" A DG 2  ? ? "C1'" A DG 2  ? ? N9 A DG 2  ? ? 110.15 108.30 1.85 0.30 N 
2  1 N7    A DG 2  ? ? C8    A DG 2  ? ? N9 A DG 2  ? ? 116.16 113.10 3.06 0.50 N 
3  1 "O4'" A DA 4  ? ? "C1'" A DA 4  ? ? N9 A DA 4  ? ? 111.05 108.30 2.75 0.30 N 
4  1 "O4'" A DC 5  ? ? "C1'" A DC 5  ? ? N1 A DC 5  ? ? 110.27 108.30 1.97 0.30 N 
5  1 "O4'" A DG 10 ? ? "C1'" A DG 10 ? ? N9 A DG 10 ? ? 110.46 108.30 2.16 0.30 N 
6  1 "O4'" B DG 1  ? ? "C1'" B DG 1  ? ? N9 B DG 1  ? ? 111.04 108.30 2.74 0.30 N 
7  1 N7    B DG 1  ? ? C8    B DG 1  ? ? N9 B DG 1  ? ? 116.24 113.10 3.14 0.50 N 
8  1 "O4'" B DT 4  ? ? "C1'" B DT 4  ? ? N1 B DT 4  ? ? 110.71 108.30 2.41 0.30 N 
9  1 N7    B DG 5  ? ? C8    B DG 5  ? ? N9 B DG 5  ? ? 116.13 113.10 3.03 0.50 N 
10 1 N7    B DG 7  ? ? C8    B DG 7  ? ? N9 B DG 7  ? ? 116.23 113.10 3.13 0.50 N 
11 1 N7    B DG 11 ? ? C8    B DG 11 ? ? N9 B DG 11 ? ? 116.15 113.10 3.05 0.50 N 
# 
_pdbx_struct_mod_residue.id               1 
_pdbx_struct_mod_residue.label_asym_id    A 
_pdbx_struct_mod_residue.label_comp_id    S6G 
_pdbx_struct_mod_residue.label_seq_id     6 
_pdbx_struct_mod_residue.auth_asym_id     A 
_pdbx_struct_mod_residue.auth_comp_id     S6G 
_pdbx_struct_mod_residue.auth_seq_id      6 
_pdbx_struct_mod_residue.PDB_ins_code     ? 
_pdbx_struct_mod_residue.parent_comp_id   DG 
_pdbx_struct_mod_residue.details          ? 
# 
_pdbx_nmr_ensemble.entry_id                             1KB1 
_pdbx_nmr_ensemble.conformers_calculated_total_number   ? 
_pdbx_nmr_ensemble.conformers_submitted_total_number    1 
_pdbx_nmr_ensemble.conformer_selection_criteria         ? 
# 
loop_
_pdbx_nmr_sample_details.solution_id 
_pdbx_nmr_sample_details.contents 
_pdbx_nmr_sample_details.solvent_system 
1 '2.4mM DNA 25mM Phosphate buffer, 50mM NaCl, 0.5mM EDTA' '100% D2O'           
2 '2.4mM DNA 25mM Phosphate buffer, 50mM NaCl, 0.5mM EDTA' '10 % D2O, 90 % H2O' 
# 
loop_
_pdbx_nmr_exptl_sample_conditions.conditions_id 
_pdbx_nmr_exptl_sample_conditions.temperature 
_pdbx_nmr_exptl_sample_conditions.pressure 
_pdbx_nmr_exptl_sample_conditions.pH 
_pdbx_nmr_exptl_sample_conditions.ionic_strength 
_pdbx_nmr_exptl_sample_conditions.pressure_units 
_pdbx_nmr_exptl_sample_conditions.temperature_units 
1 298 ambient 6.78 '25 mM Phosphate, 50 mM NaCl, 0.5 mM EDTA' ? K 
2 276 ambient 6.78 '25 mM Phosphate, 50 mM NaCl, 0.5 mM EDTA' ? K 
# 
loop_
_pdbx_nmr_exptl.experiment_id 
_pdbx_nmr_exptl.conditions_id 
_pdbx_nmr_exptl.type 
_pdbx_nmr_exptl.solution_id 
1 1 '2D NOESY' 1 
2 1 COSY       1 
3 1 DQF-COSY   1 
4 1 COSY45     1 
5 1 TOCSY      1 
6 1 HETCO      1 
7 2 '2D NOESY' 2 
# 
_pdbx_nmr_details.entry_id   1KB1 
_pdbx_nmr_details.text       
;THE STRUCTURE WAS DETERMINED USING PROTON NMR FOLLOWED BY DISTANCE RESTRAINED MOLECULAR DYNAMICS SIMULATIONS, AND FURTHER REFINED BY THE FULL- RELAXATION MATRIX BACK CALCULATION METHOD. 15 STRUCTURES EACH WERE DETERMINED FROM A- AND B-FORM DNA STARTING STRUCTURES. FIVE DIFFERENT STARTING TEMPERATURES AND THREE DIFFERENT LENGTHS OF TIME SPENT AT THE HIGH- TEMPERATURE STEP MAKE UP THE 15 STRUCTURES. 25 OF THE 30 TOTAL STRUCTURES CONVERGED TO AN RMSD OF .59A OR LESS. THE AVERAGE OF THESE 25 STRUCTURES WAS CALCULATED AND UTILIZED IN THE FULL RELAXATION MATRIX BACK CALCULATIONS. THE MINIMIZED AVERAGE STRUCTURE FROM THIS LAST STEP IS THE FORM THAT IS DEPOSITED HERE.
;
# 
_pdbx_nmr_refine.entry_id           1KB1 
_pdbx_nmr_refine.method             'RESTRAINED MOLECULAR DYNAMICS SIMULATIONS' 
_pdbx_nmr_refine.details            ? 
_pdbx_nmr_refine.software_ordinal   1 
# 
loop_
_pdbx_nmr_software.classification 
_pdbx_nmr_software.name 
_pdbx_nmr_software.version 
_pdbx_nmr_software.authors 
_pdbx_nmr_software.ordinal 
processing                    Felix  '95 AND 98' 'BIOSYM TECHNOLOGIES, INC.' 1 
'iterative matrix relaxation' X-PLOR 3.857       BRUNGER                     2 
refinement                    X-PLOR 3.857       BRUNGER                     3 
# 
loop_
_chem_comp_atom.comp_id 
_chem_comp_atom.atom_id 
_chem_comp_atom.type_symbol 
_chem_comp_atom.pdbx_aromatic_flag 
_chem_comp_atom.pdbx_stereo_config 
_chem_comp_atom.pdbx_ordinal 
DA  OP3    O N N 1   
DA  P      P N N 2   
DA  OP1    O N N 3   
DA  OP2    O N N 4   
DA  "O5'"  O N N 5   
DA  "C5'"  C N N 6   
DA  "C4'"  C N R 7   
DA  "O4'"  O N N 8   
DA  "C3'"  C N S 9   
DA  "O3'"  O N N 10  
DA  "C2'"  C N N 11  
DA  "C1'"  C N R 12  
DA  N9     N Y N 13  
DA  C8     C Y N 14  
DA  N7     N Y N 15  
DA  C5     C Y N 16  
DA  C6     C Y N 17  
DA  N6     N N N 18  
DA  N1     N Y N 19  
DA  C2     C Y N 20  
DA  N3     N Y N 21  
DA  C4     C Y N 22  
DA  HOP3   H N N 23  
DA  HOP2   H N N 24  
DA  "H5'"  H N N 25  
DA  "H5''" H N N 26  
DA  "H4'"  H N N 27  
DA  "H3'"  H N N 28  
DA  "HO3'" H N N 29  
DA  "H2'"  H N N 30  
DA  "H2''" H N N 31  
DA  "H1'"  H N N 32  
DA  H8     H N N 33  
DA  H61    H N N 34  
DA  H62    H N N 35  
DA  H2     H N N 36  
DC  OP3    O N N 37  
DC  P      P N N 38  
DC  OP1    O N N 39  
DC  OP2    O N N 40  
DC  "O5'"  O N N 41  
DC  "C5'"  C N N 42  
DC  "C4'"  C N R 43  
DC  "O4'"  O N N 44  
DC  "C3'"  C N S 45  
DC  "O3'"  O N N 46  
DC  "C2'"  C N N 47  
DC  "C1'"  C N R 48  
DC  N1     N N N 49  
DC  C2     C N N 50  
DC  O2     O N N 51  
DC  N3     N N N 52  
DC  C4     C N N 53  
DC  N4     N N N 54  
DC  C5     C N N 55  
DC  C6     C N N 56  
DC  HOP3   H N N 57  
DC  HOP2   H N N 58  
DC  "H5'"  H N N 59  
DC  "H5''" H N N 60  
DC  "H4'"  H N N 61  
DC  "H3'"  H N N 62  
DC  "HO3'" H N N 63  
DC  "H2'"  H N N 64  
DC  "H2''" H N N 65  
DC  "H1'"  H N N 66  
DC  H41    H N N 67  
DC  H42    H N N 68  
DC  H5     H N N 69  
DC  H6     H N N 70  
DG  OP3    O N N 71  
DG  P      P N N 72  
DG  OP1    O N N 73  
DG  OP2    O N N 74  
DG  "O5'"  O N N 75  
DG  "C5'"  C N N 76  
DG  "C4'"  C N R 77  
DG  "O4'"  O N N 78  
DG  "C3'"  C N S 79  
DG  "O3'"  O N N 80  
DG  "C2'"  C N N 81  
DG  "C1'"  C N R 82  
DG  N9     N Y N 83  
DG  C8     C Y N 84  
DG  N7     N Y N 85  
DG  C5     C Y N 86  
DG  C6     C N N 87  
DG  O6     O N N 88  
DG  N1     N N N 89  
DG  C2     C N N 90  
DG  N2     N N N 91  
DG  N3     N N N 92  
DG  C4     C Y N 93  
DG  HOP3   H N N 94  
DG  HOP2   H N N 95  
DG  "H5'"  H N N 96  
DG  "H5''" H N N 97  
DG  "H4'"  H N N 98  
DG  "H3'"  H N N 99  
DG  "HO3'" H N N 100 
DG  "H2'"  H N N 101 
DG  "H2''" H N N 102 
DG  "H1'"  H N N 103 
DG  H8     H N N 104 
DG  H1     H N N 105 
DG  H21    H N N 106 
DG  H22    H N N 107 
DT  OP3    O N N 108 
DT  P      P N N 109 
DT  OP1    O N N 110 
DT  OP2    O N N 111 
DT  "O5'"  O N N 112 
DT  "C5'"  C N N 113 
DT  "C4'"  C N R 114 
DT  "O4'"  O N N 115 
DT  "C3'"  C N S 116 
DT  "O3'"  O N N 117 
DT  "C2'"  C N N 118 
DT  "C1'"  C N R 119 
DT  N1     N N N 120 
DT  C2     C N N 121 
DT  O2     O N N 122 
DT  N3     N N N 123 
DT  C4     C N N 124 
DT  O4     O N N 125 
DT  C5     C N N 126 
DT  C7     C N N 127 
DT  C6     C N N 128 
DT  HOP3   H N N 129 
DT  HOP2   H N N 130 
DT  "H5'"  H N N 131 
DT  "H5''" H N N 132 
DT  "H4'"  H N N 133 
DT  "H3'"  H N N 134 
DT  "HO3'" H N N 135 
DT  "H2'"  H N N 136 
DT  "H2''" H N N 137 
DT  "H1'"  H N N 138 
DT  H3     H N N 139 
DT  H71    H N N 140 
DT  H72    H N N 141 
DT  H73    H N N 142 
DT  H6     H N N 143 
S6G P      P N N 144 
S6G OP1    O N N 145 
S6G OP2    O N N 146 
S6G OP3    O N N 147 
S6G "O5'"  O N N 148 
S6G "C5'"  C N N 149 
S6G "C4'"  C N R 150 
S6G "O4'"  O N N 151 
S6G "C3'"  C N S 152 
S6G "O3'"  O N N 153 
S6G "C2'"  C N N 154 
S6G "C1'"  C N R 155 
S6G N9     N Y N 156 
S6G C8     C Y N 157 
S6G N7     N Y N 158 
S6G C5     C Y N 159 
S6G C6     C N N 160 
S6G S6     S N N 161 
S6G N1     N N N 162 
S6G C2     C N N 163 
S6G N2     N N N 164 
S6G N3     N N N 165 
S6G C4     C Y N 166 
S6G HOP2   H N N 167 
S6G HOP3   H N N 168 
S6G "H5'"  H N N 169 
S6G "H5''" H N N 170 
S6G "H4'"  H N N 171 
S6G "H3'"  H N N 172 
S6G "HO3'" H N N 173 
S6G "H2'"  H N N 174 
S6G "H2''" H N N 175 
S6G "H1'"  H N N 176 
S6G H8     H N N 177 
S6G HN1    H N N 178 
S6G HN21   H N N 179 
S6G HN22   H N N 180 
# 
loop_
_chem_comp_bond.comp_id 
_chem_comp_bond.atom_id_1 
_chem_comp_bond.atom_id_2 
_chem_comp_bond.value_order 
_chem_comp_bond.pdbx_aromatic_flag 
_chem_comp_bond.pdbx_stereo_config 
_chem_comp_bond.pdbx_ordinal 
DA  OP3   P      sing N N 1   
DA  OP3   HOP3   sing N N 2   
DA  P     OP1    doub N N 3   
DA  P     OP2    sing N N 4   
DA  P     "O5'"  sing N N 5   
DA  OP2   HOP2   sing N N 6   
DA  "O5'" "C5'"  sing N N 7   
DA  "C5'" "C4'"  sing N N 8   
DA  "C5'" "H5'"  sing N N 9   
DA  "C5'" "H5''" sing N N 10  
DA  "C4'" "O4'"  sing N N 11  
DA  "C4'" "C3'"  sing N N 12  
DA  "C4'" "H4'"  sing N N 13  
DA  "O4'" "C1'"  sing N N 14  
DA  "C3'" "O3'"  sing N N 15  
DA  "C3'" "C2'"  sing N N 16  
DA  "C3'" "H3'"  sing N N 17  
DA  "O3'" "HO3'" sing N N 18  
DA  "C2'" "C1'"  sing N N 19  
DA  "C2'" "H2'"  sing N N 20  
DA  "C2'" "H2''" sing N N 21  
DA  "C1'" N9     sing N N 22  
DA  "C1'" "H1'"  sing N N 23  
DA  N9    C8     sing Y N 24  
DA  N9    C4     sing Y N 25  
DA  C8    N7     doub Y N 26  
DA  C8    H8     sing N N 27  
DA  N7    C5     sing Y N 28  
DA  C5    C6     sing Y N 29  
DA  C5    C4     doub Y N 30  
DA  C6    N6     sing N N 31  
DA  C6    N1     doub Y N 32  
DA  N6    H61    sing N N 33  
DA  N6    H62    sing N N 34  
DA  N1    C2     sing Y N 35  
DA  C2    N3     doub Y N 36  
DA  C2    H2     sing N N 37  
DA  N3    C4     sing Y N 38  
DC  OP3   P      sing N N 39  
DC  OP3   HOP3   sing N N 40  
DC  P     OP1    doub N N 41  
DC  P     OP2    sing N N 42  
DC  P     "O5'"  sing N N 43  
DC  OP2   HOP2   sing N N 44  
DC  "O5'" "C5'"  sing N N 45  
DC  "C5'" "C4'"  sing N N 46  
DC  "C5'" "H5'"  sing N N 47  
DC  "C5'" "H5''" sing N N 48  
DC  "C4'" "O4'"  sing N N 49  
DC  "C4'" "C3'"  sing N N 50  
DC  "C4'" "H4'"  sing N N 51  
DC  "O4'" "C1'"  sing N N 52  
DC  "C3'" "O3'"  sing N N 53  
DC  "C3'" "C2'"  sing N N 54  
DC  "C3'" "H3'"  sing N N 55  
DC  "O3'" "HO3'" sing N N 56  
DC  "C2'" "C1'"  sing N N 57  
DC  "C2'" "H2'"  sing N N 58  
DC  "C2'" "H2''" sing N N 59  
DC  "C1'" N1     sing N N 60  
DC  "C1'" "H1'"  sing N N 61  
DC  N1    C2     sing N N 62  
DC  N1    C6     sing N N 63  
DC  C2    O2     doub N N 64  
DC  C2    N3     sing N N 65  
DC  N3    C4     doub N N 66  
DC  C4    N4     sing N N 67  
DC  C4    C5     sing N N 68  
DC  N4    H41    sing N N 69  
DC  N4    H42    sing N N 70  
DC  C5    C6     doub N N 71  
DC  C5    H5     sing N N 72  
DC  C6    H6     sing N N 73  
DG  OP3   P      sing N N 74  
DG  OP3   HOP3   sing N N 75  
DG  P     OP1    doub N N 76  
DG  P     OP2    sing N N 77  
DG  P     "O5'"  sing N N 78  
DG  OP2   HOP2   sing N N 79  
DG  "O5'" "C5'"  sing N N 80  
DG  "C5'" "C4'"  sing N N 81  
DG  "C5'" "H5'"  sing N N 82  
DG  "C5'" "H5''" sing N N 83  
DG  "C4'" "O4'"  sing N N 84  
DG  "C4'" "C3'"  sing N N 85  
DG  "C4'" "H4'"  sing N N 86  
DG  "O4'" "C1'"  sing N N 87  
DG  "C3'" "O3'"  sing N N 88  
DG  "C3'" "C2'"  sing N N 89  
DG  "C3'" "H3'"  sing N N 90  
DG  "O3'" "HO3'" sing N N 91  
DG  "C2'" "C1'"  sing N N 92  
DG  "C2'" "H2'"  sing N N 93  
DG  "C2'" "H2''" sing N N 94  
DG  "C1'" N9     sing N N 95  
DG  "C1'" "H1'"  sing N N 96  
DG  N9    C8     sing Y N 97  
DG  N9    C4     sing Y N 98  
DG  C8    N7     doub Y N 99  
DG  C8    H8     sing N N 100 
DG  N7    C5     sing Y N 101 
DG  C5    C6     sing N N 102 
DG  C5    C4     doub Y N 103 
DG  C6    O6     doub N N 104 
DG  C6    N1     sing N N 105 
DG  N1    C2     sing N N 106 
DG  N1    H1     sing N N 107 
DG  C2    N2     sing N N 108 
DG  C2    N3     doub N N 109 
DG  N2    H21    sing N N 110 
DG  N2    H22    sing N N 111 
DG  N3    C4     sing N N 112 
DT  OP3   P      sing N N 113 
DT  OP3   HOP3   sing N N 114 
DT  P     OP1    doub N N 115 
DT  P     OP2    sing N N 116 
DT  P     "O5'"  sing N N 117 
DT  OP2   HOP2   sing N N 118 
DT  "O5'" "C5'"  sing N N 119 
DT  "C5'" "C4'"  sing N N 120 
DT  "C5'" "H5'"  sing N N 121 
DT  "C5'" "H5''" sing N N 122 
DT  "C4'" "O4'"  sing N N 123 
DT  "C4'" "C3'"  sing N N 124 
DT  "C4'" "H4'"  sing N N 125 
DT  "O4'" "C1'"  sing N N 126 
DT  "C3'" "O3'"  sing N N 127 
DT  "C3'" "C2'"  sing N N 128 
DT  "C3'" "H3'"  sing N N 129 
DT  "O3'" "HO3'" sing N N 130 
DT  "C2'" "C1'"  sing N N 131 
DT  "C2'" "H2'"  sing N N 132 
DT  "C2'" "H2''" sing N N 133 
DT  "C1'" N1     sing N N 134 
DT  "C1'" "H1'"  sing N N 135 
DT  N1    C2     sing N N 136 
DT  N1    C6     sing N N 137 
DT  C2    O2     doub N N 138 
DT  C2    N3     sing N N 139 
DT  N3    C4     sing N N 140 
DT  N3    H3     sing N N 141 
DT  C4    O4     doub N N 142 
DT  C4    C5     sing N N 143 
DT  C5    C7     sing N N 144 
DT  C5    C6     doub N N 145 
DT  C7    H71    sing N N 146 
DT  C7    H72    sing N N 147 
DT  C7    H73    sing N N 148 
DT  C6    H6     sing N N 149 
S6G P     OP1    doub N N 150 
S6G P     OP2    sing N N 151 
S6G P     OP3    sing N N 152 
S6G P     "O5'"  sing N N 153 
S6G OP2   HOP2   sing N N 154 
S6G OP3   HOP3   sing N N 155 
S6G "O5'" "C5'"  sing N N 156 
S6G "C5'" "C4'"  sing N N 157 
S6G "C5'" "H5'"  sing N N 158 
S6G "C5'" "H5''" sing N N 159 
S6G "C4'" "O4'"  sing N N 160 
S6G "C4'" "C3'"  sing N N 161 
S6G "C4'" "H4'"  sing N N 162 
S6G "O4'" "C1'"  sing N N 163 
S6G "C3'" "O3'"  sing N N 164 
S6G "C3'" "C2'"  sing N N 165 
S6G "C3'" "H3'"  sing N N 166 
S6G "O3'" "HO3'" sing N N 167 
S6G "C2'" "C1'"  sing N N 168 
S6G "C2'" "H2'"  sing N N 169 
S6G "C2'" "H2''" sing N N 170 
S6G "C1'" N9     sing N N 171 
S6G "C1'" "H1'"  sing N N 172 
S6G N9    C8     sing Y N 173 
S6G N9    C4     sing Y N 174 
S6G C8    N7     doub Y N 175 
S6G C8    H8     sing N N 176 
S6G N7    C5     sing Y N 177 
S6G C5    C6     sing N N 178 
S6G C5    C4     doub Y N 179 
S6G C6    S6     doub N N 180 
S6G C6    N1     sing N N 181 
S6G N1    C2     sing N N 182 
S6G N1    HN1    sing N N 183 
S6G C2    N2     sing N N 184 
S6G C2    N3     doub N N 185 
S6G N2    HN21   sing N N 186 
S6G N2    HN22   sing N N 187 
S6G N3    C4     sing N N 188 
# 
loop_
_ndb_struct_conf_na.entry_id 
_ndb_struct_conf_na.feature 
1KB1 'double helix'        
1KB1 'b-form double helix' 
# 
loop_
_ndb_struct_na_base_pair.model_number 
_ndb_struct_na_base_pair.i_label_asym_id 
_ndb_struct_na_base_pair.i_label_comp_id 
_ndb_struct_na_base_pair.i_label_seq_id 
_ndb_struct_na_base_pair.i_symmetry 
_ndb_struct_na_base_pair.j_label_asym_id 
_ndb_struct_na_base_pair.j_label_comp_id 
_ndb_struct_na_base_pair.j_label_seq_id 
_ndb_struct_na_base_pair.j_symmetry 
_ndb_struct_na_base_pair.shear 
_ndb_struct_na_base_pair.stretch 
_ndb_struct_na_base_pair.stagger 
_ndb_struct_na_base_pair.buckle 
_ndb_struct_na_base_pair.propeller 
_ndb_struct_na_base_pair.opening 
_ndb_struct_na_base_pair.pair_number 
_ndb_struct_na_base_pair.pair_name 
_ndb_struct_na_base_pair.i_auth_asym_id 
_ndb_struct_na_base_pair.i_auth_seq_id 
_ndb_struct_na_base_pair.i_PDB_ins_code 
_ndb_struct_na_base_pair.j_auth_asym_id 
_ndb_struct_na_base_pair.j_auth_seq_id 
_ndb_struct_na_base_pair.j_PDB_ins_code 
_ndb_struct_na_base_pair.hbond_type_28 
_ndb_struct_na_base_pair.hbond_type_12 
1 A DC  1  1_555 B DG 11 1_555 0.609  -0.229 0.183 -10.090 -2.093 -2.544 1  A_DC1:DG11_B A 1  ? B 11 ? 19 1 
1 A DG  2  1_555 B DC 10 1_555 -0.624 -0.252 0.137 -5.982  -1.481 -1.984 2  A_DG2:DC10_B A 2  ? B 10 ? 19 1 
1 A DT  3  1_555 B DA 9  1_555 -0.211 -0.129 0.171 -1.270  -5.652 -2.453 3  A_DT3:DA9_B  A 3  ? B 9  ? 20 1 
1 A DA  4  1_555 B DT 8  1_555 0.247  -0.106 0.111 -0.064  -9.040 -2.560 4  A_DA4:DT8_B  A 4  ? B 8  ? 20 1 
1 A DC  5  1_555 B DG 7  1_555 0.825  -0.269 0.063 2.239   -4.749 -0.731 5  A_DC5:DG7_B  A 5  ? B 7  ? 19 1 
1 A S6G 6  1_555 B DC 6  1_555 -1.147 -0.108 0.262 -2.655  -3.214 6.068  6  A_S6G6:DC6_B A 6  ? B 6  ? ?  1 
1 A DC  7  1_555 B DG 5  1_555 0.732  -0.266 0.355 -5.032  1.818  -0.994 7  A_DC7:DG5_B  A 7  ? B 5  ? 19 1 
1 A DA  8  1_555 B DT 4  1_555 0.212  -0.086 0.060 -1.558  -8.438 -2.863 8  A_DA8:DT4_B  A 8  ? B 4  ? 20 1 
1 A DT  9  1_555 B DA 3  1_555 -0.351 -0.096 0.070 7.371   -8.607 -3.013 9  A_DT9:DA3_B  A 9  ? B 3  ? 20 1 
1 A DG  10 1_555 B DC 2  1_555 -0.645 -0.269 0.274 5.948   1.228  -1.175 10 A_DG10:DC2_B A 10 ? B 2  ? 19 1 
1 A DC  11 1_555 B DG 1  1_555 0.684  -0.239 0.316 -5.266  3.870  -0.769 11 A_DC11:DG1_B A 11 ? B 1  ? 19 1 
# 
loop_
_ndb_struct_na_base_pair_step.model_number 
_ndb_struct_na_base_pair_step.i_label_asym_id_1 
_ndb_struct_na_base_pair_step.i_label_comp_id_1 
_ndb_struct_na_base_pair_step.i_label_seq_id_1 
_ndb_struct_na_base_pair_step.i_symmetry_1 
_ndb_struct_na_base_pair_step.j_label_asym_id_1 
_ndb_struct_na_base_pair_step.j_label_comp_id_1 
_ndb_struct_na_base_pair_step.j_label_seq_id_1 
_ndb_struct_na_base_pair_step.j_symmetry_1 
_ndb_struct_na_base_pair_step.i_label_asym_id_2 
_ndb_struct_na_base_pair_step.i_label_comp_id_2 
_ndb_struct_na_base_pair_step.i_label_seq_id_2 
_ndb_struct_na_base_pair_step.i_symmetry_2 
_ndb_struct_na_base_pair_step.j_label_asym_id_2 
_ndb_struct_na_base_pair_step.j_label_comp_id_2 
_ndb_struct_na_base_pair_step.j_label_seq_id_2 
_ndb_struct_na_base_pair_step.j_symmetry_2 
_ndb_struct_na_base_pair_step.shift 
_ndb_struct_na_base_pair_step.slide 
_ndb_struct_na_base_pair_step.rise 
_ndb_struct_na_base_pair_step.tilt 
_ndb_struct_na_base_pair_step.roll 
_ndb_struct_na_base_pair_step.twist 
_ndb_struct_na_base_pair_step.x_displacement 
_ndb_struct_na_base_pair_step.y_displacement 
_ndb_struct_na_base_pair_step.helical_rise 
_ndb_struct_na_base_pair_step.inclination 
_ndb_struct_na_base_pair_step.tip 
_ndb_struct_na_base_pair_step.helical_twist 
_ndb_struct_na_base_pair_step.step_number 
_ndb_struct_na_base_pair_step.step_name 
_ndb_struct_na_base_pair_step.i_auth_asym_id_1 
_ndb_struct_na_base_pair_step.i_auth_seq_id_1 
_ndb_struct_na_base_pair_step.i_PDB_ins_code_1 
_ndb_struct_na_base_pair_step.j_auth_asym_id_1 
_ndb_struct_na_base_pair_step.j_auth_seq_id_1 
_ndb_struct_na_base_pair_step.j_PDB_ins_code_1 
_ndb_struct_na_base_pair_step.i_auth_asym_id_2 
_ndb_struct_na_base_pair_step.i_auth_seq_id_2 
_ndb_struct_na_base_pair_step.i_PDB_ins_code_2 
_ndb_struct_na_base_pair_step.j_auth_asym_id_2 
_ndb_struct_na_base_pair_step.j_auth_seq_id_2 
_ndb_struct_na_base_pair_step.j_PDB_ins_code_2 
1 A DC  1  1_555 B DG 11 1_555 A DG  2  1_555 B DC 10 1_555 0.567  -1.109 2.766 2.501  4.332   31.451 -2.678 -0.654 2.630 7.928   
-4.578 31.837 1  AA_DC1DG2:DC10DG11_BB A 1  ? B 11 ? A 2  ? B 10 ? 
1 A DG  2  1_555 B DC 10 1_555 A DT  3  1_555 B DA 9  1_555 -0.102 -1.085 3.018 0.566  -0.847  39.336 -1.518 0.214  3.038 -1.259  
-0.840 39.349 2  AA_DG2DT3:DA9DC10_BB  A 2  ? B 10 ? A 3  ? B 9  ? 
1 A DT  3  1_555 B DA 9  1_555 A DA  4  1_555 B DT 8  1_555 0.193  -1.229 2.831 1.004  11.430  34.177 -3.304 -0.197 2.318 18.803  
-1.651 35.998 3  AA_DT3DA4:DT8DA9_BB   A 3  ? B 9  ? A 4  ? B 8  ? 
1 A DA  4  1_555 B DT 8  1_555 A DC  5  1_555 B DG 7  1_555 -0.270 -0.788 3.005 -0.799 0.938   40.572 -1.232 0.308  2.992 1.352   
1.152  40.590 4  AA_DA4DC5:DG7DT8_BB   A 4  ? B 8  ? A 5  ? B 7  ? 
1 A DC  5  1_555 B DG 7  1_555 A S6G 6  1_555 B DC 6  1_555 0.623  -1.028 2.867 -0.373 6.443   31.705 -2.809 -1.173 2.606 11.642  
0.673  32.339 5  AA_DC5S6G6:DC6DG7_BB  A 5  ? B 7  ? A 6  ? B 6  ? 
1 A S6G 6  1_555 B DC 6  1_555 A DC  7  1_555 B DG 5  1_555 -0.491 -0.355 3.232 -1.257 -3.722  49.780 -0.152 0.491  3.260 -4.414  
1.491  49.925 6  AA_S6G6DC7:DG5DC6_BB  A 6  ? B 6  ? A 7  ? B 5  ? 
1 A DC  7  1_555 B DG 5  1_555 A DA  8  1_555 B DT 4  1_555 -0.295 -0.943 2.721 3.644  8.956   34.994 -2.510 0.880  2.374 14.554  
-5.922 36.265 7  AA_DC7DA8:DT4DG5_BB   A 7  ? B 5  ? A 8  ? B 4  ? 
1 A DA  8  1_555 B DT 4  1_555 A DT  9  1_555 B DA 3  1_555 -0.086 -0.839 2.849 -0.477 2.483   32.334 -1.879 0.081  2.780 4.451   
0.856  32.430 8  AA_DA8DT9:DA3DT4_BB   A 8  ? B 4  ? A 9  ? B 3  ? 
1 A DT  9  1_555 B DA 3  1_555 A DG  10 1_555 B DC 2  1_555 0.352  -1.174 2.929 -3.051 2.634   34.673 -2.307 -0.992 2.795 4.401   
5.097  34.899 9  AA_DT9DG10:DC2DA3_BB  A 9  ? B 3  ? A 10 ? B 2  ? 
1 A DG  10 1_555 B DC 2  1_555 A DC  11 1_555 B DG 1  1_555 0.015  -0.737 3.699 -1.284 -12.514 49.425 0.157  -0.121 3.768 -14.693 
1.507  50.904 10 AA_DG10DC11:DG1DC2_BB A 10 ? B 2  ? A 11 ? B 1  ? 
# 
loop_
_pdbx_nmr_spectrometer.spectrometer_id 
_pdbx_nmr_spectrometer.model 
_pdbx_nmr_spectrometer.manufacturer 
_pdbx_nmr_spectrometer.field_strength 
_pdbx_nmr_spectrometer.type 
1 INOVA Varian 600 ? 
2 INOVA Varian 500 ? 
# 
_atom_sites.entry_id                    1KB1 
_atom_sites.fract_transf_matrix[1][1]   1.000000 
_atom_sites.fract_transf_matrix[1][2]   0.000000 
_atom_sites.fract_transf_matrix[1][3]   0.000000 
_atom_sites.fract_transf_matrix[2][1]   0.000000 
_atom_sites.fract_transf_matrix[2][2]   1.000000 
_atom_sites.fract_transf_matrix[2][3]   0.000000 
_atom_sites.fract_transf_matrix[3][1]   0.000000 
_atom_sites.fract_transf_matrix[3][2]   0.000000 
_atom_sites.fract_transf_matrix[3][3]   1.000000 
_atom_sites.fract_transf_vector[1]      0.000000 
_atom_sites.fract_transf_vector[2]      0.000000 
_atom_sites.fract_transf_vector[3]      0.000000 
# 
loop_
_atom_type.symbol 
C 
H 
N 
O 
P 
S 
# 
loop_
_atom_site.group_PDB 
_atom_site.id 
_atom_site.type_symbol 
_atom_site.label_atom_id 
_atom_site.label_alt_id 
_atom_site.label_comp_id 
_atom_site.label_asym_id 
_atom_site.label_entity_id 
_atom_site.label_seq_id 
_atom_site.pdbx_PDB_ins_code 
_atom_site.Cartn_x 
_atom_site.Cartn_y 
_atom_site.Cartn_z 
_atom_site.occupancy 
_atom_site.B_iso_or_equiv 
_atom_site.pdbx_formal_charge 
_atom_site.auth_seq_id 
_atom_site.auth_comp_id 
_atom_site.auth_asym_id 
_atom_site.auth_atom_id 
_atom_site.pdbx_PDB_model_num 
ATOM   1   O "O5'"  . DC  A 1 1  ? -16.705 -3.308  2.736   1.00 0.96 ? 1  DC  A "O5'"  1 
ATOM   2   C "C5'"  . DC  A 1 1  ? -17.489 -3.025  3.901   1.00 0.94 ? 1  DC  A "C5'"  1 
ATOM   3   C "C4'"  . DC  A 1 1  ? -16.626 -2.734  5.136   1.00 0.81 ? 1  DC  A "C4'"  1 
ATOM   4   O "O4'"  . DC  A 1 1  ? -15.783 -3.855  5.474   1.00 0.76 ? 1  DC  A "O4'"  1 
ATOM   5   C "C3'"  . DC  A 1 1  ? -15.690 -1.529  4.982   1.00 0.76 ? 1  DC  A "C3'"  1 
ATOM   6   O "O3'"  . DC  A 1 1  ? -15.538 -0.833  6.228   1.00 0.71 ? 1  DC  A "O3'"  1 
ATOM   7   C "C2'"  . DC  A 1 1  ? -14.425 -2.211  4.501   1.00 0.71 ? 1  DC  A "C2'"  1 
ATOM   8   C "C1'"  . DC  A 1 1  ? -14.411 -3.426  5.429   1.00 0.66 ? 1  DC  A "C1'"  1 
ATOM   9   N N1     . DC  A 1 1  ? -13.556 -4.539  4.927   1.00 0.62 ? 1  DC  A N1     1 
ATOM   10  C C2     . DC  A 1 1  ? -12.618 -5.095  5.790   1.00 0.54 ? 1  DC  A C2     1 
ATOM   11  O O2     . DC  A 1 1  ? -12.471 -4.696  6.942   1.00 0.53 ? 1  DC  A O2     1 
ATOM   12  N N3     . DC  A 1 1  ? -11.844 -6.111  5.333   1.00 0.50 ? 1  DC  A N3     1 
ATOM   13  C C4     . DC  A 1 1  ? -11.966 -6.576  4.088   1.00 0.54 ? 1  DC  A C4     1 
ATOM   14  N N4     . DC  A 1 1  ? -11.119 -7.649  3.669   1.00 0.51 ? 1  DC  A N4     1 
ATOM   15  C C5     . DC  A 1 1  ? -12.923 -6.019  3.185   1.00 0.63 ? 1  DC  A C5     1 
ATOM   16  C C6     . DC  A 1 1  ? -13.691 -5.010  3.645   1.00 0.66 ? 1  DC  A C6     1 
ATOM   17  H "H5'"  . DC  A 1 1  ? -18.121 -3.886  4.115   1.00 1.00 ? 1  DC  A "H5'"  1 
ATOM   18  H "H5''" . DC  A 1 1  ? -18.124 -2.163  3.696   1.00 0.99 ? 1  DC  A "H5''" 1 
ATOM   19  H "H4'"  . DC  A 1 1  ? -17.287 -2.539  5.980   1.00 0.84 ? 1  DC  A "H4'"  1 
ATOM   20  H "H3'"  . DC  A 1 1  ? -16.090 -0.822  4.255   1.00 0.82 ? 1  DC  A "H3'"  1 
ATOM   21  H "H2'"  . DC  A 1 1  ? -14.597 -2.557  3.481   1.00 0.76 ? 1  DC  A "H2'"  1 
ATOM   22  H "H2''" . DC  A 1 1  ? -13.517 -1.612  4.572   1.00 0.68 ? 1  DC  A "H2''" 1 
ATOM   23  H "H1'"  . DC  A 1 1  ? -14.096 -3.104  6.422   1.00 0.63 ? 1  DC  A "H1'"  1 
ATOM   24  H H41    . DC  A 1 1  ? -10.479 -8.048  4.340   1.00 0.46 ? 1  DC  A H41    1 
ATOM   25  H H42    . DC  A 1 1  ? -11.168 -7.996  2.721   1.00 0.55 ? 1  DC  A H42    1 
ATOM   26  H H5     . DC  A 1 1  ? -13.030 -6.393  2.166   1.00 0.68 ? 1  DC  A H5     1 
ATOM   27  H H6     . DC  A 1 1  ? -14.431 -4.573  2.974   1.00 0.73 ? 1  DC  A H6     1 
ATOM   28  H "HO5'" . DC  A 1 1  ? -16.158 -2.537  2.573   1.00 1.23 ? 1  DC  A "HO5'" 1 
ATOM   29  P P      . DG  A 1 2  ? -14.628 0.496   6.384   1.00 0.70 ? 2  DG  A P      1 
ATOM   30  O OP1    . DG  A 1 2  ? -15.310 1.402   7.338   1.00 0.77 ? 2  DG  A OP1    1 
ATOM   31  O OP2    . DG  A 1 2  ? -14.278 0.989   5.031   1.00 0.77 ? 2  DG  A OP2    1 
ATOM   32  O "O5'"  . DG  A 1 2  ? -13.287 -0.074  7.075   1.00 0.60 ? 2  DG  A "O5'"  1 
ATOM   33  C "C5'"  . DG  A 1 2  ? -13.245 -0.383  8.476   1.00 0.60 ? 2  DG  A "C5'"  1 
ATOM   34  C "C4'"  . DG  A 1 2  ? -11.875 -0.888  8.930   1.00 0.54 ? 2  DG  A "C4'"  1 
ATOM   35  O "O4'"  . DG  A 1 2  ? -11.482 -2.127  8.305   1.00 0.48 ? 2  DG  A "O4'"  1 
ATOM   36  C "C3'"  . DG  A 1 2  ? -10.725 0.102   8.692   1.00 0.52 ? 2  DG  A "C3'"  1 
ATOM   37  O "O3'"  . DG  A 1 2  ? -9.877  0.153   9.855   1.00 0.55 ? 2  DG  A "O3'"  1 
ATOM   38  C "C2'"  . DG  A 1 2  ? -10.095 -0.487  7.444   1.00 0.46 ? 2  DG  A "C2'"  1 
ATOM   39  C "C1'"  . DG  A 1 2  ? -10.142 -1.957  7.818   1.00 0.43 ? 2  DG  A "C1'"  1 
ATOM   40  N N9     . DG  A 1 2  ? -9.890  -2.876  6.690   1.00 0.39 ? 2  DG  A N9     1 
ATOM   41  C C8     . DG  A 1 2  ? -10.424 -2.902  5.435   1.00 0.39 ? 2  DG  A C8     1 
ATOM   42  N N7     . DG  A 1 2  ? -10.013 -3.860  4.656   1.00 0.37 ? 2  DG  A N7     1 
ATOM   43  C C5     . DG  A 1 2  ? -9.111  -4.538  5.476   1.00 0.34 ? 2  DG  A C5     1 
ATOM   44  C C6     . DG  A 1 2  ? -8.322  -5.686  5.209   1.00 0.32 ? 2  DG  A C6     1 
ATOM   45  O O6     . DG  A 1 2  ? -8.254  -6.354  4.183   1.00 0.32 ? 2  DG  A O6     1 
ATOM   46  N N1     . DG  A 1 2  ? -7.554  -6.043  6.301   1.00 0.31 ? 2  DG  A N1     1 
ATOM   47  C C2     . DG  A 1 2  ? -7.535  -5.384  7.510   1.00 0.33 ? 2  DG  A C2     1 
ATOM   48  N N2     . DG  A 1 2  ? -6.663  -5.885  8.515   1.00 0.35 ? 2  DG  A N2     1 
ATOM   49  N N3     . DG  A 1 2  ? -8.273  -4.309  7.767   1.00 0.36 ? 2  DG  A N3     1 
ATOM   50  C C4     . DG  A 1 2  ? -9.033  -3.942  6.712   1.00 0.36 ? 2  DG  A C4     1 
ATOM   51  H "H5'"  . DG  A 1 2  ? -13.985 -1.153  8.693   1.00 0.63 ? 2  DG  A "H5'"  1 
ATOM   52  H "H5''" . DG  A 1 2  ? -13.490 0.513   9.045   1.00 0.66 ? 2  DG  A "H5''" 1 
ATOM   53  H "H4'"  . DG  A 1 2  ? -11.922 -1.064  10.005  1.00 0.59 ? 2  DG  A "H4'"  1 
ATOM   54  H "H3'"  . DG  A 1 2  ? -11.114 1.106   8.524   1.00 0.53 ? 2  DG  A "H3'"  1 
ATOM   55  H "H2'"  . DG  A 1 2  ? -10.764 -0.337  6.597   1.00 0.47 ? 2  DG  A "H2'"  1 
ATOM   56  H "H2''" . DG  A 1 2  ? -9.085  -0.130  7.235   1.00 0.45 ? 2  DG  A "H2''" 1 
ATOM   57  H "H1'"  . DG  A 1 2  ? -9.430  -2.146  8.622   1.00 0.44 ? 2  DG  A "H1'"  1 
ATOM   58  H H8     . DG  A 1 2  ? -11.156 -2.165  5.102   1.00 0.42 ? 2  DG  A H8     1 
ATOM   59  H H1     . DG  A 1 2  ? -6.977  -6.860  6.158   1.00 0.30 ? 2  DG  A H1     1 
ATOM   60  H H21    . DG  A 1 2  ? -6.226  -6.788  8.388   1.00 0.32 ? 2  DG  A H21    1 
ATOM   61  H H22    . DG  A 1 2  ? -6.507  -5.314  9.333   1.00 0.39 ? 2  DG  A H22    1 
ATOM   62  P P      . DT  A 1 3  ? -8.424  0.863   9.913   1.00 0.56 ? 3  DT  A P      1 
ATOM   63  O OP1    . DT  A 1 3  ? -8.322  1.583   11.204  1.00 0.64 ? 3  DT  A OP1    1 
ATOM   64  O OP2    . DT  A 1 3  ? -8.197  1.601   8.649   1.00 0.55 ? 3  DT  A OP2    1 
ATOM   65  O "O5'"  . DT  A 1 3  ? -7.406  -0.390  9.944   1.00 0.50 ? 3  DT  A "O5'"  1 
ATOM   66  C "C5'"  . DT  A 1 3  ? -7.267  -1.227  11.106  1.00 0.50 ? 3  DT  A "C5'"  1 
ATOM   67  C "C4'"  . DT  A 1 3  ? -6.030  -2.129  11.037  1.00 0.46 ? 3  DT  A "C4'"  1 
ATOM   68  O "O4'"  . DT  A 1 3  ? -6.053  -3.043  9.924   1.00 0.41 ? 3  DT  A "O4'"  1 
ATOM   69  C "C3'"  . DT  A 1 3  ? -4.707  -1.358  10.933  1.00 0.46 ? 3  DT  A "C3'"  1 
ATOM   70  O "O3'"  . DT  A 1 3  ? -3.661  -2.012  11.672  1.00 0.46 ? 3  DT  A "O3'"  1 
ATOM   71  C "C2'"  . DT  A 1 3  ? -4.518  -1.331  9.434   1.00 0.42 ? 3  DT  A "C2'"  1 
ATOM   72  C "C1'"  . DT  A 1 3  ? -4.901  -2.772  9.105   1.00 0.38 ? 3  DT  A "C1'"  1 
ATOM   73  N N1     . DT  A 1 3  ? -5.246  -2.992  7.676   1.00 0.34 ? 3  DT  A N1     1 
ATOM   74  C C2     . DT  A 1 3  ? -4.729  -4.119  7.056   1.00 0.30 ? 3  DT  A C2     1 
ATOM   75  O O2     . DT  A 1 3  ? -3.998  -4.934  7.613   1.00 0.30 ? 3  DT  A O2     1 
ATOM   76  N N3     . DT  A 1 3  ? -5.083  -4.293  5.740   1.00 0.28 ? 3  DT  A N3     1 
ATOM   77  C C4     . DT  A 1 3  ? -5.888  -3.469  4.988   1.00 0.30 ? 3  DT  A C4     1 
ATOM   78  O O4     . DT  A 1 3  ? -6.124  -3.760  3.820   1.00 0.29 ? 3  DT  A O4     1 
ATOM   79  C C5     . DT  A 1 3  ? -6.386  -2.317  5.700   1.00 0.33 ? 3  DT  A C5     1 
ATOM   80  C C7     . DT  A 1 3  ? -7.287  -1.307  4.981   1.00 0.36 ? 3  DT  A C7     1 
ATOM   81  C C6     . DT  A 1 3  ? -6.059  -2.118  6.992   1.00 0.35 ? 3  DT  A C6     1 
ATOM   82  H "H5'"  . DT  A 1 3  ? -8.151  -1.859  11.190  1.00 0.51 ? 3  DT  A "H5'"  1 
ATOM   83  H "H5''" . DT  A 1 3  ? -7.195  -0.602  11.997  1.00 0.55 ? 3  DT  A "H5''" 1 
ATOM   84  H "H4'"  . DT  A 1 3  ? -5.995  -2.718  11.954  1.00 0.48 ? 3  DT  A "H4'"  1 
ATOM   85  H "H3'"  . DT  A 1 3  ? -4.823  -0.359  11.352  1.00 0.51 ? 3  DT  A "H3'"  1 
ATOM   86  H "H2'"  . DT  A 1 3  ? -5.272  -0.660  9.022   1.00 0.44 ? 3  DT  A "H2'"  1 
ATOM   87  H "H2''" . DT  A 1 3  ? -3.517  -1.068  9.094   1.00 0.42 ? 3  DT  A "H2''" 1 
ATOM   88  H "H1'"  . DT  A 1 3  ? -4.081  -3.424  9.407   1.00 0.37 ? 3  DT  A "H1'"  1 
ATOM   89  H H3     . DT  A 1 3  ? -4.712  -5.113  5.280   1.00 0.26 ? 3  DT  A H3     1 
ATOM   90  H H71    . DT  A 1 3  ? -7.464  -1.626  3.955   1.00 0.78 ? 3  DT  A H71    1 
ATOM   91  H H72    . DT  A 1 3  ? -8.244  -1.227  5.498   1.00 0.81 ? 3  DT  A H72    1 
ATOM   92  H H73    . DT  A 1 3  ? -6.805  -0.329  4.976   1.00 0.72 ? 3  DT  A H73    1 
ATOM   93  H H6     . DT  A 1 3  ? -6.461  -1.238  7.496   1.00 0.39 ? 3  DT  A H6     1 
ATOM   94  P P      . DA  A 1 4  ? -2.139  -1.468  11.689  1.00 0.47 ? 4  DA  A P      1 
ATOM   95  O OP1    . DA  A 1 4  ? -1.535  -1.848  12.988  1.00 0.52 ? 4  DA  A OP1    1 
ATOM   96  O OP2    . DA  A 1 4  ? -2.137  -0.046  11.275  1.00 0.52 ? 4  DA  A OP2    1 
ATOM   97  O "O5'"  . DA  A 1 4  ? -1.427  -2.324  10.518  1.00 0.41 ? 4  DA  A "O5'"  1 
ATOM   98  C "C5'"  . DA  A 1 4  ? -0.922  -3.649  10.753  1.00 0.39 ? 4  DA  A "C5'"  1 
ATOM   99  C "C4'"  . DA  A 1 4  ? -0.179  -4.230  9.545   1.00 0.36 ? 4  DA  A "C4'"  1 
ATOM   100 O "O4'"  . DA  A 1 4  ? -1.020  -4.440  8.391   1.00 0.32 ? 4  DA  A "O4'"  1 
ATOM   101 C "C3'"  . DA  A 1 4  ? 1.015   -3.387  9.070   1.00 0.38 ? 4  DA  A "C3'"  1 
ATOM   102 O "O3'"  . DA  A 1 4  ? 2.142   -4.229  8.766   1.00 0.39 ? 4  DA  A "O3'"  1 
ATOM   103 C "C2'"  . DA  A 1 4  ? 0.414   -2.712  7.851   1.00 0.37 ? 4  DA  A "C2'"  1 
ATOM   104 C "C1'"  . DA  A 1 4  ? -0.327  -3.902  7.259   1.00 0.33 ? 4  DA  A "C1'"  1 
ATOM   105 N N9     . DA  A 1 4  ? -1.271  -3.536  6.183   1.00 0.31 ? 4  DA  A N9     1 
ATOM   106 C C8     . DA  A 1 4  ? -2.155  -2.501  6.112   1.00 0.32 ? 4  DA  A C8     1 
ATOM   107 N N7     . DA  A 1 4  ? -2.869  -2.430  5.029   1.00 0.31 ? 4  DA  A N7     1 
ATOM   108 C C5     . DA  A 1 4  ? -2.414  -3.532  4.306   1.00 0.28 ? 4  DA  A C5     1 
ATOM   109 C C6     . DA  A 1 4  ? -2.758  -4.046  3.050   1.00 0.27 ? 4  DA  A C6     1 
ATOM   110 N N6     . DA  A 1 4  ? -3.751  -3.452  2.211   1.00 0.28 ? 4  DA  A N6     1 
ATOM   111 N N1     . DA  A 1 4  ? -2.115  -5.146  2.637   1.00 0.25 ? 4  DA  A N1     1 
ATOM   112 C C2     . DA  A 1 4  ? -1.191  -5.707  3.407   1.00 0.26 ? 4  DA  A C2     1 
ATOM   113 N N3     . DA  A 1 4  ? -0.783  -5.317  4.603   1.00 0.27 ? 4  DA  A N3     1 
ATOM   114 C C4     . DA  A 1 4  ? -1.444  -4.208  4.999   1.00 0.28 ? 4  DA  A C4     1 
ATOM   115 H "H5'"  . DA  A 1 4  ? -1.754  -4.311  10.997  1.00 0.38 ? 4  DA  A "H5'"  1 
ATOM   116 H "H5''" . DA  A 1 4  ? -0.236  -3.617  11.600  1.00 0.43 ? 4  DA  A "H5''" 1 
ATOM   117 H "H4'"  . DA  A 1 4  ? 0.222   -5.200  9.838   1.00 0.37 ? 4  DA  A "H4'"  1 
ATOM   118 H "H3'"  . DA  A 1 4  ? 1.318   -2.677  9.839   1.00 0.41 ? 4  DA  A "H3'"  1 
ATOM   119 H "H2'"  . DA  A 1 4  ? -0.329  -1.982  8.173   1.00 0.39 ? 4  DA  A "H2'"  1 
ATOM   120 H "H2''" . DA  A 1 4  ? 1.142   -2.280  7.165   1.00 0.39 ? 4  DA  A "H2''" 1 
ATOM   121 H "H1'"  . DA  A 1 4  ? 0.397   -4.628  6.887   1.00 0.32 ? 4  DA  A "H1'"  1 
ATOM   122 H H8     . DA  A 1 4  ? -2.261  -1.771  6.916   1.00 0.35 ? 4  DA  A H8     1 
ATOM   123 H H61    . DA  A 1 4  ? -3.981  -3.889  1.329   1.00 0.27 ? 4  DA  A H61    1 
ATOM   124 H H62    . DA  A 1 4  ? -4.213  -2.604  2.505   1.00 0.29 ? 4  DA  A H62    1 
ATOM   125 H H2     . DA  A 1 4  ? -0.712  -6.599  3.005   1.00 0.26 ? 4  DA  A H2     1 
ATOM   126 P P      . DC  A 1 5  ? 3.571   -3.680  8.239   1.00 0.41 ? 5  DC  A P      1 
ATOM   127 O OP1    . DC  A 1 5  ? 4.614   -4.124  9.192   1.00 0.46 ? 5  DC  A OP1    1 
ATOM   128 O OP2    . DC  A 1 5  ? 3.445   -2.241  7.910   1.00 0.46 ? 5  DC  A OP2    1 
ATOM   129 O "O5'"  . DC  A 1 5  ? 3.769   -4.483  6.854   1.00 0.39 ? 5  DC  A "O5'"  1 
ATOM   130 C "C5'"  . DC  A 1 5  ? 4.008   -5.900  6.812   1.00 0.41 ? 5  DC  A "C5'"  1 
ATOM   131 C "C4'"  . DC  A 1 5  ? 4.159   -6.432  5.379   1.00 0.44 ? 5  DC  A "C4'"  1 
ATOM   132 O "O4'"  . DC  A 1 5  ? 2.979   -6.157  4.595   1.00 0.43 ? 5  DC  A "O4'"  1 
ATOM   133 C "C3'"  . DC  A 1 5  ? 5.334   -5.820  4.601   1.00 0.47 ? 5  DC  A "C3'"  1 
ATOM   134 O "O3'"  . DC  A 1 5  ? 5.849   -6.735  3.617   1.00 0.53 ? 5  DC  A "O3'"  1 
ATOM   135 C "C2'"  . DC  A 1 5  ? 4.649   -4.611  4.000   1.00 0.46 ? 5  DC  A "C2'"  1 
ATOM   136 C "C1'"  . DC  A 1 5  ? 3.351   -5.269  3.529   1.00 0.43 ? 5  DC  A "C1'"  1 
ATOM   137 N N1     . DC  A 1 5  ? 2.254   -4.302  3.257   1.00 0.41 ? 5  DC  A N1     1 
ATOM   138 C C2     . DC  A 1 5  ? 1.540   -4.447  2.074   1.00 0.38 ? 5  DC  A C2     1 
ATOM   139 O O2     . DC  A 1 5  ? 1.791   -5.336  1.266   1.00 0.38 ? 5  DC  A O2     1 
ATOM   140 N N3     . DC  A 1 5  ? 0.539   -3.572  1.815   1.00 0.37 ? 5  DC  A N3     1 
ATOM   141 C C4     . DC  A 1 5  ? 0.235   -2.591  2.665   1.00 0.38 ? 5  DC  A C4     1 
ATOM   142 N N4     . DC  A 1 5  ? -0.836  -1.709  2.322   1.00 0.37 ? 5  DC  A N4     1 
ATOM   143 C C5     . DC  A 1 5  ? 0.956   -2.421  3.888   1.00 0.42 ? 5  DC  A C5     1 
ATOM   144 C C6     . DC  A 1 5  ? 1.952   -3.296  4.142   1.00 0.43 ? 5  DC  A C6     1 
ATOM   145 H "H5'"  . DC  A 1 5  ? 3.167   -6.413  7.279   1.00 0.40 ? 5  DC  A "H5'"  1 
ATOM   146 H "H5''" . DC  A 1 5  ? 4.915   -6.130  7.371   1.00 0.44 ? 5  DC  A "H5''" 1 
ATOM   147 H "H4'"  . DC  A 1 5  ? 4.300   -7.512  5.428   1.00 0.48 ? 5  DC  A "H4'"  1 
ATOM   148 H "H3'"  . DC  A 1 5  ? 6.145   -5.559  5.281   1.00 0.48 ? 5  DC  A "H3'"  1 
ATOM   149 H "H2'"  . DC  A 1 5  ? 4.426   -3.919  4.812   1.00 0.44 ? 5  DC  A "H2'"  1 
ATOM   150 H "H2''" . DC  A 1 5  ? 5.196   -4.120  3.195   1.00 0.49 ? 5  DC  A "H2''" 1 
ATOM   151 H "H1'"  . DC  A 1 5  ? 3.571   -5.857  2.638   1.00 0.45 ? 5  DC  A "H1'"  1 
ATOM   152 H H41    . DC  A 1 5  ? -1.313  -1.865  1.445   1.00 0.36 ? 5  DC  A H41    1 
ATOM   153 H H42    . DC  A 1 5  ? -1.100  -0.958  2.943   1.00 0.39 ? 5  DC  A H42    1 
ATOM   154 H H5     . DC  A 1 5  ? 0.711   -1.621  4.587   1.00 0.44 ? 5  DC  A H5     1 
ATOM   155 H H6     . DC  A 1 5  ? 2.512   -3.189  5.070   1.00 0.47 ? 5  DC  A H6     1 
HETATM 156 P P      . S6G A 1 6  ? 7.123   -6.401  2.677   1.00 0.54 ? 6  S6G A P      1 
HETATM 157 O OP1    . S6G A 1 6  ? 8.033   -7.569  2.712   1.00 0.58 ? 6  S6G A OP1    1 
HETATM 158 O OP2    . S6G A 1 6  ? 7.647   -5.063  3.038   1.00 0.65 ? 6  S6G A OP2    1 
HETATM 159 O "O5'"  . S6G A 1 6  ? 6.483   -6.292  1.199   1.00 0.44 ? 6  S6G A "O5'"  1 
HETATM 160 C "C5'"  . S6G A 1 6  ? 6.174   -7.454  0.410   1.00 0.40 ? 6  S6G A "C5'"  1 
HETATM 161 C "C4'"  . S6G A 1 6  ? 5.667   -7.102  -0.995  1.00 0.38 ? 6  S6G A "C4'"  1 
HETATM 162 O "O4'"  . S6G A 1 6  ? 4.449   -6.331  -0.949  1.00 0.40 ? 6  S6G A "O4'"  1 
HETATM 163 C "C3'"  . S6G A 1 6  ? 6.656   -6.275  -1.834  1.00 0.38 ? 6  S6G A "C3'"  1 
HETATM 164 O "O3'"  . S6G A 1 6  ? 6.504   -6.572  -3.236  1.00 0.39 ? 6  S6G A "O3'"  1 
HETATM 165 C "C2'"  . S6G A 1 6  ? 6.203   -4.876  -1.463  1.00 0.38 ? 6  S6G A "C2'"  1 
HETATM 166 C "C1'"  . S6G A 1 6  ? 4.701   -5.077  -1.602  1.00 0.38 ? 6  S6G A "C1'"  1 
HETATM 167 N N9     . S6G A 1 6  ? 3.907   -4.000  -0.982  1.00 0.37 ? 6  S6G A N9     1 
HETATM 168 C C8     . S6G A 1 6  ? 4.012   -3.429  0.251   1.00 0.38 ? 6  S6G A C8     1 
HETATM 169 N N7     . S6G A 1 6  ? 3.150   -2.495  0.525   1.00 0.37 ? 6  S6G A N7     1 
HETATM 170 C C5     . S6G A 1 6  ? 2.394   -2.440  -0.646  1.00 0.36 ? 6  S6G A C5     1 
HETATM 171 C C6     . S6G A 1 6  ? 1.291   -1.616  -0.977  1.00 0.37 ? 6  S6G A C6     1 
HETATM 172 S S6     . S6G A 1 6  ? 0.532   -0.408  -0.018  1.00 0.39 ? 6  S6G A S6     1 
HETATM 173 N N1     . S6G A 1 6  ? 0.818   -1.876  -2.253  1.00 0.36 ? 6  S6G A N1     1 
HETATM 174 C C2     . S6G A 1 6  ? 1.342   -2.817  -3.114  1.00 0.36 ? 6  S6G A C2     1 
HETATM 175 N N2     . S6G A 1 6  ? 0.741   -2.933  -4.396  1.00 0.36 ? 6  S6G A N2     1 
HETATM 176 N N3     . S6G A 1 6  ? 2.378   -3.594  -2.806  1.00 0.36 ? 6  S6G A N3     1 
HETATM 177 C C4     . S6G A 1 6  ? 2.851   -3.353  -1.564  1.00 0.36 ? 6  S6G A C4     1 
HETATM 178 H "H5'"  . S6G A 1 6  ? 5.404   -8.034  0.918   1.00 0.40 ? 6  S6G A "H5'"  1 
HETATM 179 H "H5''" . S6G A 1 6  ? 7.070   -8.066  0.315   1.00 0.43 ? 6  S6G A "H5''" 1 
HETATM 180 H "H4'"  . S6G A 1 6  ? 5.463   -8.031  -1.529  1.00 0.40 ? 6  S6G A "H4'"  1 
HETATM 181 H "H3'"  . S6G A 1 6  ? 7.685   -6.489  -1.546  1.00 0.40 ? 6  S6G A "H3'"  1 
HETATM 182 H "H2'"  . S6G A 1 6  ? 6.438   -4.690  -0.415  1.00 0.39 ? 6  S6G A "H2'"  1 
HETATM 183 H "H2''" . S6G A 1 6  ? 6.584   -4.084  -2.107  1.00 0.38 ? 6  S6G A "H2''" 1 
HETATM 184 H "H1'"  . S6G A 1 6  ? 4.453   -5.163  -2.661  1.00 0.38 ? 6  S6G A "H1'"  1 
HETATM 185 H H8     . S6G A 1 6  ? 4.775   -3.735  0.967   1.00 0.39 ? 6  S6G A H8     1 
HETATM 186 H HN1    . S6G A 1 6  ? 0.025   -1.317  -2.533  1.00 0.37 ? 6  S6G A HN1    1 
HETATM 187 H HN21   . S6G A 1 6  ? 1.191   -3.513  -5.090  1.00 0.36 ? 6  S6G A HN21   1 
HETATM 188 H HN22   . S6G A 1 6  ? -0.116  -2.428  -4.570  1.00 0.36 ? 6  S6G A HN22   1 
ATOM   189 P P      . DC  A 1 7  ? 7.278   -5.799  -4.428  1.00 0.39 ? 7  DC  A P      1 
ATOM   190 O OP1    . DC  A 1 7  ? 7.942   -6.814  -5.279  1.00 0.41 ? 7  DC  A OP1    1 
ATOM   191 O OP2    . DC  A 1 7  ? 8.083   -4.700  -3.846  1.00 0.41 ? 7  DC  A OP2    1 
ATOM   192 O "O5'"  . DC  A 1 7  ? 6.077   -5.128  -5.273  1.00 0.36 ? 7  DC  A "O5'"  1 
ATOM   193 C "C5'"  . DC  A 1 7  ? 5.163   -5.901  -6.070  1.00 0.37 ? 7  DC  A "C5'"  1 
ATOM   194 C "C4'"  . DC  A 1 7  ? 4.260   -5.030  -6.960  1.00 0.35 ? 7  DC  A "C4'"  1 
ATOM   195 O "O4'"  . DC  A 1 7  ? 3.466   -4.116  -6.179  1.00 0.34 ? 7  DC  A "O4'"  1 
ATOM   196 C "C3'"  . DC  A 1 7  ? 5.025   -4.161  -7.970  1.00 0.34 ? 7  DC  A "C3'"  1 
ATOM   197 O "O3'"  . DC  A 1 7  ? 4.235   -3.873  -9.136  1.00 0.35 ? 7  DC  A "O3'"  1 
ATOM   198 C "C2'"  . DC  A 1 7  ? 5.298   -2.946  -7.110  1.00 0.33 ? 7  DC  A "C2'"  1 
ATOM   199 C "C1'"  . DC  A 1 7  ? 3.925   -2.779  -6.452  1.00 0.32 ? 7  DC  A "C1'"  1 
ATOM   200 N N1     . DC  A 1 7  ? 3.979   -2.005  -5.183  1.00 0.31 ? 7  DC  A N1     1 
ATOM   201 C C2     . DC  A 1 7  ? 3.064   -0.976  -5.006  1.00 0.31 ? 7  DC  A C2     1 
ATOM   202 O O2     . DC  A 1 7  ? 2.227   -0.692  -5.859  1.00 0.31 ? 7  DC  A O2     1 
ATOM   203 N N3     . DC  A 1 7  ? 3.105   -0.271  -3.849  1.00 0.31 ? 7  DC  A N3     1 
ATOM   204 C C4     . DC  A 1 7  ? 3.998   -0.548  -2.897  1.00 0.32 ? 7  DC  A C4     1 
ATOM   205 N N4     . DC  A 1 7  ? 3.981   0.232   -1.699  1.00 0.33 ? 7  DC  A N4     1 
ATOM   206 C C5     . DC  A 1 7  ? 4.950   -1.602  -3.058  1.00 0.32 ? 7  DC  A C5     1 
ATOM   207 C C6     . DC  A 1 7  ? 4.904   -2.299  -4.211  1.00 0.32 ? 7  DC  A C6     1 
ATOM   208 H "H5'"  . DC  A 1 7  ? 4.526   -6.485  -5.404  1.00 0.38 ? 7  DC  A "H5'"  1 
ATOM   209 H "H5''" . DC  A 1 7  ? 5.726   -6.583  -6.707  1.00 0.39 ? 7  DC  A "H5''" 1 
ATOM   210 H "H4'"  . DC  A 1 7  ? 3.587   -5.692  -7.507  1.00 0.37 ? 7  DC  A "H4'"  1 
ATOM   211 H "H3'"  . DC  A 1 7  ? 5.935   -4.667  -8.291  1.00 0.36 ? 7  DC  A "H3'"  1 
ATOM   212 H "H2'"  . DC  A 1 7  ? 6.025   -3.243  -6.354  1.00 0.33 ? 7  DC  A "H2'"  1 
ATOM   213 H "H2''" . DC  A 1 7  ? 5.626   -2.055  -7.646  1.00 0.33 ? 7  DC  A "H2''" 1 
ATOM   214 H "H1'"  . DC  A 1 7  ? 3.253   -2.309  -7.169  1.00 0.32 ? 7  DC  A "H1'"  1 
ATOM   215 H H41    . DC  A 1 7  ? 3.280   0.954   -1.612  1.00 0.34 ? 7  DC  A H41    1 
ATOM   216 H H42    . DC  A 1 7  ? 4.654   0.056   -0.967  1.00 0.34 ? 7  DC  A H42    1 
ATOM   217 H H5     . DC  A 1 7  ? 5.681   -1.832  -2.283  1.00 0.33 ? 7  DC  A H5     1 
ATOM   218 H H6     . DC  A 1 7  ? 5.618   -3.110  -4.352  1.00 0.34 ? 7  DC  A H6     1 
ATOM   219 P P      . DA  A 1 8  ? 4.793   -3.003  -10.383 1.00 0.37 ? 8  DA  A P      1 
ATOM   220 O OP1    . DA  A 1 8  ? 4.409   -3.699  -11.634 1.00 0.40 ? 8  DA  A OP1    1 
ATOM   221 O OP2    . DA  A 1 8  ? 6.218   -2.677  -10.143 1.00 0.41 ? 8  DA  A OP2    1 
ATOM   222 O "O5'"  . DA  A 1 8  ? 3.952   -1.630  -10.278 1.00 0.34 ? 8  DA  A "O5'"  1 
ATOM   223 C "C5'"  . DA  A 1 8  ? 2.600   -1.526  -10.750 1.00 0.34 ? 8  DA  A "C5'"  1 
ATOM   224 C "C4'"  . DA  A 1 8  ? 2.048   -0.101  -10.645 1.00 0.31 ? 8  DA  A "C4'"  1 
ATOM   225 O "O4'"  . DA  A 1 8  ? 1.971   0.378   -9.288  1.00 0.28 ? 8  DA  A "O4'"  1 
ATOM   226 C "C3'"  . DA  A 1 8  ? 2.857   0.939   -11.429 1.00 0.30 ? 8  DA  A "C3'"  1 
ATOM   227 O "O3'"  . DA  A 1 8  ? 1.991   1.875   -12.092 1.00 0.32 ? 8  DA  A "O3'"  1 
ATOM   228 C "C2'"  . DA  A 1 8  ? 3.725   1.510   -10.325 1.00 0.25 ? 8  DA  A "C2'"  1 
ATOM   229 C "C1'"  . DA  A 1 8  ? 2.703   1.610   -9.199  1.00 0.23 ? 8  DA  A "C1'"  1 
ATOM   230 N N9     . DA  A 1 8  ? 3.328   1.680   -7.859  1.00 0.20 ? 8  DA  A N9     1 
ATOM   231 C C8     . DA  A 1 8  ? 4.384   0.975   -7.359  1.00 0.19 ? 8  DA  A C8     1 
ATOM   232 N N7     . DA  A 1 8  ? 4.715   1.231   -6.129  1.00 0.17 ? 8  DA  A N7     1 
ATOM   233 C C5     . DA  A 1 8  ? 3.785   2.204   -5.773  1.00 0.18 ? 8  DA  A C5     1 
ATOM   234 C C6     . DA  A 1 8  ? 3.575   2.914   -4.586  1.00 0.19 ? 8  DA  A C6     1 
ATOM   235 N N6     . DA  A 1 8  ? 4.374   2.722   -3.416  1.00 0.20 ? 8  DA  A N6     1 
ATOM   236 N N1     . DA  A 1 8  ? 2.573   3.804   -4.567  1.00 0.21 ? 8  DA  A N1     1 
ATOM   237 C C2     . DA  A 1 8  ? 1.825   3.982   -5.648  1.00 0.21 ? 8  DA  A C2     1 
ATOM   238 N N3     . DA  A 1 8  ? 1.923   3.374   -6.821  1.00 0.21 ? 8  DA  A N3     1 
ATOM   239 C C4     . DA  A 1 8  ? 2.939   2.484   -6.815  1.00 0.19 ? 8  DA  A C4     1 
ATOM   240 H "H5'"  . DA  A 1 8  ? 1.964   -2.188  -10.160 1.00 0.36 ? 8  DA  A "H5'"  1 
ATOM   241 H "H5''" . DA  A 1 8  ? 2.563   -1.840  -11.794 1.00 0.38 ? 8  DA  A "H5''" 1 
ATOM   242 H "H4'"  . DA  A 1 8  ? 1.039   -0.102  -11.056 1.00 0.34 ? 8  DA  A "H4'"  1 
ATOM   243 H "H3'"  . DA  A 1 8  ? 3.449   0.446   -12.200 1.00 0.32 ? 8  DA  A "H3'"  1 
ATOM   244 H "H2'"  . DA  A 1 8  ? 4.452   0.749   -10.045 1.00 0.24 ? 8  DA  A "H2'"  1 
ATOM   245 H "H2''" . DA  A 1 8  ? 4.199   2.463   -10.559 1.00 0.24 ? 8  DA  A "H2''" 1 
ATOM   246 H "H1'"  . DA  A 1 8  ? 2.044   2.461   -9.374  1.00 0.24 ? 8  DA  A "H1'"  1 
ATOM   247 H H8     . DA  A 1 8  ? 4.924   0.236   -7.952  1.00 0.20 ? 8  DA  A H8     1 
ATOM   248 H H61    . DA  A 1 8  ? 4.158   3.241   -2.577  1.00 0.23 ? 8  DA  A H61    1 
ATOM   249 H H62    . DA  A 1 8  ? 5.143   2.069   -3.442  1.00 0.20 ? 8  DA  A H62    1 
ATOM   250 H H2     . DA  A 1 8  ? 1.028   4.720   -5.561  1.00 0.23 ? 8  DA  A H2     1 
ATOM   251 P P      . DT  A 1 9  ? 2.527   3.096   -13.008 1.00 0.35 ? 9  DT  A P      1 
ATOM   252 O OP1    . DT  A 1 9  ? 1.661   3.184   -14.205 1.00 0.41 ? 9  DT  A OP1    1 
ATOM   253 O OP2    . DT  A 1 9  ? 3.993   2.960   -13.177 1.00 0.36 ? 9  DT  A OP2    1 
ATOM   254 O "O5'"  . DT  A 1 9  ? 2.258   4.391   -12.084 1.00 0.31 ? 9  DT  A "O5'"  1 
ATOM   255 C "C5'"  . DT  A 1 9  ? 0.934   4.922   -11.908 1.00 0.33 ? 9  DT  A "C5'"  1 
ATOM   256 C "C4'"  . DT  A 1 9  ? 0.907   6.155   -11.002 1.00 0.31 ? 9  DT  A "C4'"  1 
ATOM   257 O "O4'"  . DT  A 1 9  ? 1.375   5.867   -9.669  1.00 0.26 ? 9  DT  A "O4'"  1 
ATOM   258 C "C3'"  . DT  A 1 9  ? 1.739   7.340   -11.517 1.00 0.34 ? 9  DT  A "C3'"  1 
ATOM   259 O "O3'"  . DT  A 1 9  ? 1.040   8.582   -11.329 1.00 0.38 ? 9  DT  A "O3'"  1 
ATOM   260 C "C2'"  . DT  A 1 9  ? 3.004   7.174   -10.703 1.00 0.29 ? 9  DT  A "C2'"  1 
ATOM   261 C "C1'"  . DT  A 1 9  ? 2.402   6.813   -9.345  1.00 0.24 ? 9  DT  A "C1'"  1 
ATOM   262 N N1     . DT  A 1 9  ? 3.366   6.205   -8.387  1.00 0.18 ? 9  DT  A N1     1 
ATOM   263 C C2     . DT  A 1 9  ? 3.307   6.620   -7.063  1.00 0.14 ? 9  DT  A C2     1 
ATOM   264 O O2     . DT  A 1 9  ? 2.510   7.455   -6.644  1.00 0.17 ? 9  DT  A O2     1 
ATOM   265 N N3     . DT  A 1 9  ? 4.214   6.037   -6.209  1.00 0.12 ? 9  DT  A N3     1 
ATOM   266 C C4     . DT  A 1 9  ? 5.160   5.094   -6.534  1.00 0.12 ? 9  DT  A C4     1 
ATOM   267 O O4     . DT  A 1 9  ? 5.902   4.658   -5.659  1.00 0.14 ? 9  DT  A O4     1 
ATOM   268 C C5     . DT  A 1 9  ? 5.160   4.711   -7.927  1.00 0.14 ? 9  DT  A C5     1 
ATOM   269 C C7     . DT  A 1 9  ? 6.169   3.673   -8.430  1.00 0.18 ? 9  DT  A C7     1 
ATOM   270 C C6     . DT  A 1 9  ? 4.285   5.263   -8.790  1.00 0.17 ? 9  DT  A C6     1 
ATOM   271 H "H5'"  . DT  A 1 9  ? 0.306   4.154   -11.456 1.00 0.33 ? 9  DT  A "H5'"  1 
ATOM   272 H "H5''" . DT  A 1 9  ? 0.521   5.189   -12.881 1.00 0.38 ? 9  DT  A "H5''" 1 
ATOM   273 H "H4'"  . DT  A 1 9  ? -0.125  6.496   -10.927 1.00 0.35 ? 9  DT  A "H4'"  1 
ATOM   274 H "H3'"  . DT  A 1 9  ? 1.923   7.230   -12.585 1.00 0.38 ? 9  DT  A "H3'"  1 
ATOM   275 H "H2'"  . DT  A 1 9  ? 3.527   6.299   -11.091 1.00 0.29 ? 9  DT  A "H2'"  1 
ATOM   276 H "H2''" . DT  A 1 9  ? 3.650   8.051   -10.668 1.00 0.32 ? 9  DT  A "H2''" 1 
ATOM   277 H "H1'"  . DT  A 1 9  ? 1.952   7.709   -8.920  1.00 0.25 ? 9  DT  A "H1'"  1 
ATOM   278 H H3     . DT  A 1 9  ? 4.187   6.334   -5.244  1.00 0.13 ? 9  DT  A H3     1 
ATOM   279 H H71    . DT  A 1 9  ? 6.784   3.315   -7.604  1.00 0.65 ? 9  DT  A H71    1 
ATOM   280 H H72    . DT  A 1 9  ? 5.643   2.826   -8.872  1.00 0.69 ? 9  DT  A H72    1 
ATOM   281 H H73    . DT  A 1 9  ? 6.812   4.125   -9.186  1.00 0.71 ? 9  DT  A H73    1 
ATOM   282 H H6     . DT  A 1 9  ? 4.318   4.941   -9.831  1.00 0.22 ? 9  DT  A H6     1 
ATOM   283 P P      . DG  A 1 10 ? 1.653   10.029  -11.720 1.00 0.43 ? 10 DG  A P      1 
ATOM   284 O OP1    . DG  A 1 10 ? 0.563   10.842  -12.307 1.00 0.53 ? 10 DG  A OP1    1 
ATOM   285 O OP2    . DG  A 1 10 ? 2.903   9.827   -12.489 1.00 0.46 ? 10 DG  A OP2    1 
ATOM   286 O "O5'"  . DG  A 1 10 ? 2.050   10.660  -10.288 1.00 0.37 ? 10 DG  A "O5'"  1 
ATOM   287 C "C5'"  . DG  A 1 10 ? 1.044   11.156  -9.390  1.00 0.39 ? 10 DG  A "C5'"  1 
ATOM   288 C "C4'"  . DG  A 1 10 ? 1.622   11.680  -8.073  1.00 0.36 ? 10 DG  A "C4'"  1 
ATOM   289 O "O4'"  . DG  A 1 10 ? 2.316   10.667  -7.316  1.00 0.29 ? 10 DG  A "O4'"  1 
ATOM   290 C "C3'"  . DG  A 1 10 ? 2.598   12.856  -8.212  1.00 0.38 ? 10 DG  A "C3'"  1 
ATOM   291 O "O3'"  . DG  A 1 10 ? 2.324   13.826  -7.182  1.00 0.40 ? 10 DG  A "O3'"  1 
ATOM   292 C "C2'"  . DG  A 1 10 ? 3.929   12.132  -8.114  1.00 0.34 ? 10 DG  A "C2'"  1 
ATOM   293 C "C1'"  . DG  A 1 10 ? 3.604   11.193  -6.966  1.00 0.28 ? 10 DG  A "C1'"  1 
ATOM   294 N N9     . DG  A 1 10 ? 4.580   10.098  -6.797  1.00 0.25 ? 10 DG  A N9     1 
ATOM   295 C C8     . DG  A 1 10 ? 5.016   9.160   -7.686  1.00 0.25 ? 10 DG  A C8     1 
ATOM   296 N N7     . DG  A 1 10 ? 5.881   8.299   -7.233  1.00 0.24 ? 10 DG  A N7     1 
ATOM   297 C C5     . DG  A 1 10 ? 6.035   8.707   -5.908  1.00 0.24 ? 10 DG  A C5     1 
ATOM   298 C C6     . DG  A 1 10 ? 6.846   8.170   -4.876  1.00 0.26 ? 10 DG  A C6     1 
ATOM   299 O O6     . DG  A 1 10 ? 7.606   7.207   -4.913  1.00 0.28 ? 10 DG  A O6     1 
ATOM   300 N N1     . DG  A 1 10 ? 6.707   8.876   -3.695  1.00 0.27 ? 10 DG  A N1     1 
ATOM   301 C C2     . DG  A 1 10 ? 5.890   9.968   -3.516  1.00 0.27 ? 10 DG  A C2     1 
ATOM   302 N N2     . DG  A 1 10 ? 5.878   10.590  -2.240  1.00 0.30 ? 10 DG  A N2     1 
ATOM   303 N N3     . DG  A 1 10 ? 5.126   10.474  -4.477  1.00 0.25 ? 10 DG  A N3     1 
ATOM   304 C C4     . DG  A 1 10 ? 5.246   9.799   -5.640  1.00 0.24 ? 10 DG  A C4     1 
ATOM   305 H "H5'"  . DG  A 1 10 ? 0.352   10.347  -9.158  1.00 0.38 ? 10 DG  A "H5'"  1 
ATOM   306 H "H5''" . DG  A 1 10 ? 0.495   11.962  -9.876  1.00 0.46 ? 10 DG  A "H5''" 1 
ATOM   307 H "H4'"  . DG  A 1 10 ? 0.791   12.032  -7.461  1.00 0.39 ? 10 DG  A "H4'"  1 
ATOM   308 H "H3'"  . DG  A 1 10 ? 2.464   13.352  -9.174  1.00 0.44 ? 10 DG  A "H3'"  1 
ATOM   309 H "H2'"  . DG  A 1 10 ? 4.075   11.528  -9.009  1.00 0.35 ? 10 DG  A "H2'"  1 
ATOM   310 H "H2''" . DG  A 1 10 ? 4.783   12.779  -7.913  1.00 0.37 ? 10 DG  A "H2''" 1 
ATOM   311 H "H1'"  . DG  A 1 10 ? 3.526   11.771  -6.044  1.00 0.30 ? 10 DG  A "H1'"  1 
ATOM   312 H H8     . DG  A 1 10 ? 4.661   9.133   -8.716  1.00 0.28 ? 10 DG  A H8     1 
ATOM   313 H H1     . DG  A 1 10 ? 7.267   8.527   -2.929  1.00 0.30 ? 10 DG  A H1     1 
ATOM   314 H H21    . DG  A 1 10 ? 6.336   10.156  -1.450  1.00 0.34 ? 10 DG  A H21    1 
ATOM   315 H H22    . DG  A 1 10 ? 5.395   11.475  -2.175  1.00 0.31 ? 10 DG  A H22    1 
ATOM   316 P P      . DC  A 1 11 ? 3.286   15.055  -6.754  1.00 0.42 ? 11 DC  A P      1 
ATOM   317 O OP1    . DC  A 1 11 ? 2.441   16.248  -6.519  1.00 0.46 ? 11 DC  A OP1    1 
ATOM   318 O OP2    . DC  A 1 11 ? 4.418   15.139  -7.706  1.00 0.46 ? 11 DC  A OP2    1 
ATOM   319 O "O5'"  . DC  A 1 11 ? 3.884   14.575  -5.332  1.00 0.39 ? 11 DC  A "O5'"  1 
ATOM   320 C "C5'"  . DC  A 1 11 ? 3.067   14.444  -4.155  1.00 0.39 ? 11 DC  A "C5'"  1 
ATOM   321 C "C4'"  . DC  A 1 11 ? 3.891   14.388  -2.857  1.00 0.40 ? 11 DC  A "C4'"  1 
ATOM   322 O "O4'"  . DC  A 1 11 ? 4.831   13.298  -2.869  1.00 0.38 ? 11 DC  A "O4'"  1 
ATOM   323 C "C3'"  . DC  A 1 11 ? 4.742   15.638  -2.595  1.00 0.46 ? 11 DC  A "C3'"  1 
ATOM   324 O "O3'"  . DC  A 1 11 ? 5.061   15.762  -1.204  1.00 0.50 ? 11 DC  A "O3'"  1 
ATOM   325 C "C2'"  . DC  A 1 11 ? 5.957   15.307  -3.437  1.00 0.46 ? 11 DC  A "C2'"  1 
ATOM   326 C "C1'"  . DC  A 1 11 ? 6.156   13.844  -3.028  1.00 0.42 ? 11 DC  A "C1'"  1 
ATOM   327 N N1     . DC  A 1 11 ? 6.900   13.036  -4.032  1.00 0.41 ? 11 DC  A N1     1 
ATOM   328 C C2     . DC  A 1 11 ? 7.991   12.296  -3.595  1.00 0.43 ? 11 DC  A C2     1 
ATOM   329 O O2     . DC  A 1 11 ? 8.358   12.309  -2.422  1.00 0.45 ? 11 DC  A O2     1 
ATOM   330 N N3     . DC  A 1 11 ? 8.660   11.544  -4.500  1.00 0.45 ? 11 DC  A N3     1 
ATOM   331 C C4     . DC  A 1 11 ? 8.293   11.504  -5.782  1.00 0.44 ? 11 DC  A C4     1 
ATOM   332 N N4     . DC  A 1 11 ? 9.041   10.680  -6.679  1.00 0.49 ? 11 DC  A N4     1 
ATOM   333 C C5     . DC  A 1 11 ? 7.176   12.258  -6.254  1.00 0.42 ? 11 DC  A C5     1 
ATOM   334 C C6     . DC  A 1 11 ? 6.511   13.006  -5.348  1.00 0.41 ? 11 DC  A C6     1 
ATOM   335 H "H5'"  . DC  A 1 11 ? 2.492   13.521  -4.235  1.00 0.36 ? 11 DC  A "H5'"  1 
ATOM   336 H "H5''" . DC  A 1 11 ? 2.375   15.284  -4.095  1.00 0.42 ? 11 DC  A "H5''" 1 
ATOM   337 H "H4'"  . DC  A 1 11 ? 3.203   14.241  -2.024  1.00 0.43 ? 11 DC  A "H4'"  1 
ATOM   338 H "H3'"  . DC  A 1 11 ? 4.224   16.540  -2.920  1.00 0.49 ? 11 DC  A "H3'"  1 
ATOM   339 H "HO3'" . DC  A 1 11 ? 4.240   15.667  -0.716  1.00 0.60 ? 11 DC  A "HO3'" 1 
ATOM   340 H "H2'"  . DC  A 1 11 ? 5.654   15.348  -4.483  1.00 0.45 ? 11 DC  A "H2'"  1 
ATOM   341 H "H2''" . DC  A 1 11 ? 6.837   15.924  -3.256  1.00 0.51 ? 11 DC  A "H2''" 1 
ATOM   342 H "H1'"  . DC  A 1 11 ? 6.663   13.820  -2.064  1.00 0.45 ? 11 DC  A "H1'"  1 
ATOM   343 H H41    . DC  A 1 11 ? 9.797   10.127  -6.300  1.00 0.52 ? 11 DC  A H41    1 
ATOM   344 H H42    . DC  A 1 11 ? 8.810   10.657  -7.662  1.00 0.50 ? 11 DC  A H42    1 
ATOM   345 H H5     . DC  A 1 11 ? 6.873   12.229  -7.302  1.00 0.43 ? 11 DC  A H5     1 
ATOM   346 H H6     . DC  A 1 11 ? 5.652   13.589  -5.681  1.00 0.41 ? 11 DC  A H6     1 
ATOM   347 O "O5'"  . DG  B 2 1  ? 16.395  4.809   -1.158  1.00 0.95 ? 1  DG  B "O5'"  1 
ATOM   348 C "C5'"  . DG  B 2 1  ? 16.969  5.523   -0.059  1.00 0.99 ? 1  DG  B "C5'"  1 
ATOM   349 C "C4'"  . DG  B 2 1  ? 15.952  6.433   0.641   1.00 0.91 ? 1  DG  B "C4'"  1 
ATOM   350 O "O4'"  . DG  B 2 1  ? 15.388  7.394   -0.276  1.00 0.85 ? 1  DG  B "O4'"  1 
ATOM   351 C "C3'"  . DG  B 2 1  ? 14.759  5.688   1.252   1.00 0.83 ? 1  DG  B "C3'"  1 
ATOM   352 O "O3'"  . DG  B 2 1  ? 14.311  6.366   2.439   1.00 0.83 ? 1  DG  B "O3'"  1 
ATOM   353 C "C2'"  . DG  B 2 1  ? 13.783  5.738   0.091   1.00 0.75 ? 1  DG  B "C2'"  1 
ATOM   354 C "C1'"  . DG  B 2 1  ? 13.962  7.193   -0.314  1.00 0.75 ? 1  DG  B "C1'"  1 
ATOM   355 N N9     . DG  B 2 1  ? 13.422  7.470   -1.663  1.00 0.70 ? 1  DG  B N9     1 
ATOM   356 C C8     . DG  B 2 1  ? 13.779  6.955   -2.874  1.00 0.73 ? 1  DG  B C8     1 
ATOM   357 N N7     . DG  B 2 1  ? 13.121  7.398   -3.904  1.00 0.69 ? 1  DG  B N7     1 
ATOM   358 C C5     . DG  B 2 1  ? 12.234  8.302   -3.321  1.00 0.62 ? 1  DG  B C5     1 
ATOM   359 C C6     . DG  B 2 1  ? 11.240  9.120   -3.918  1.00 0.57 ? 1  DG  B C6     1 
ATOM   360 O O6     . DG  B 2 1  ? 10.928  9.221   -5.102  1.00 0.56 ? 1  DG  B O6     1 
ATOM   361 N N1     . DG  B 2 1  ? 10.569  9.878   -2.978  1.00 0.52 ? 1  DG  B N1     1 
ATOM   362 C C2     . DG  B 2 1  ? 10.816  9.862   -1.625  1.00 0.55 ? 1  DG  B C2     1 
ATOM   363 N N2     . DG  B 2 1  ? 10.014  10.696  -0.801  1.00 0.53 ? 1  DG  B N2     1 
ATOM   364 N N3     . DG  B 2 1  ? 11.746  9.098   -1.056  1.00 0.60 ? 1  DG  B N3     1 
ATOM   365 C C4     . DG  B 2 1  ? 12.413  8.348   -1.958  1.00 0.63 ? 1  DG  B C4     1 
ATOM   366 H "H5'"  . DG  B 2 1  ? 17.786  6.139   -0.435  1.00 1.06 ? 1  DG  B "H5'"  1 
ATOM   367 H "H5''" . DG  B 2 1  ? 17.368  4.808   0.661   1.00 1.04 ? 1  DG  B "H5''" 1 
ATOM   368 H "H4'"  . DG  B 2 1  ? 16.460  6.974   1.439   1.00 0.96 ? 1  DG  B "H4'"  1 
ATOM   369 H "H3'"  . DG  B 2 1  ? 15.038  4.673   1.532   1.00 0.86 ? 1  DG  B "H3'"  1 
ATOM   370 H "H2'"  . DG  B 2 1  ? 14.158  5.108   -0.715  1.00 0.78 ? 1  DG  B "H2'"  1 
ATOM   371 H "H2''" . DG  B 2 1  ? 12.754  5.489   0.350   1.00 0.69 ? 1  DG  B "H2''" 1 
ATOM   372 H "H1'"  . DG  B 2 1  ? 13.479  7.831   0.426   1.00 0.73 ? 1  DG  B "H1'"  1 
ATOM   373 H H8     . DG  B 2 1  ? 14.571  6.213   -2.978  1.00 0.78 ? 1  DG  B H8     1 
ATOM   374 H H1     . DG  B 2 1  ? 9.852   10.477  -3.362  1.00 0.49 ? 1  DG  B H1     1 
ATOM   375 H H21    . DG  B 2 1  ? 9.399   11.378  -1.221  1.00 0.50 ? 1  DG  B H21    1 
ATOM   376 H H22    . DG  B 2 1  ? 10.095  10.563  0.197   1.00 0.56 ? 1  DG  B H22    1 
ATOM   377 H "HO5'" . DG  B 2 1  ? 15.954  5.460   -1.709  1.00 1.18 ? 1  DG  B "HO5'" 1 
ATOM   378 P P      . DC  B 2 2  ? 13.000  5.949   3.291   1.00 0.78 ? 2  DC  B P      1 
ATOM   379 O OP1    . DC  B 2 2  ? 13.345  6.043   4.728   1.00 0.85 ? 2  DC  B OP1    1 
ATOM   380 O OP2    . DC  B 2 2  ? 12.474  4.675   2.747   1.00 0.73 ? 2  DC  B OP2    1 
ATOM   381 O "O5'"  . DC  B 2 2  ? 11.938  7.112   2.937   1.00 0.72 ? 2  DC  B "O5'"  1 
ATOM   382 C "C5'"  . DC  B 2 2  ? 12.074  8.456   3.435   1.00 0.76 ? 2  DC  B "C5'"  1 
ATOM   383 C "C4'"  . DC  B 2 2  ? 10.793  9.285   3.247   1.00 0.70 ? 2  DC  B "C4'"  1 
ATOM   384 O "O4'"  . DC  B 2 2  ? 10.392  9.408   1.870   1.00 0.62 ? 2  DC  B "O4'"  1 
ATOM   385 C "C3'"  . DC  B 2 2  ? 9.572   8.735   3.987   1.00 0.68 ? 2  DC  B "C3'"  1 
ATOM   386 O "O3'"  . DC  B 2 2  ? 8.724   9.810   4.427   1.00 0.69 ? 2  DC  B "O3'"  1 
ATOM   387 C "C2'"  . DC  B 2 2  ? 9.000   7.816   2.931   1.00 0.60 ? 2  DC  B "C2'"  1 
ATOM   388 C "C1'"  . DC  B 2 2  ? 9.147   8.703   1.696   1.00 0.55 ? 2  DC  B "C1'"  1 
ATOM   389 N N1     . DC  B 2 2  ? 9.217   7.917   0.435   1.00 0.49 ? 2  DC  B N1     1 
ATOM   390 C C2     . DC  B 2 2  ? 8.361   8.260   -0.605  1.00 0.42 ? 2  DC  B C2     1 
ATOM   391 O O2     . DC  B 2 2  ? 7.555   9.181   -0.507  1.00 0.40 ? 2  DC  B O2     1 
ATOM   392 N N3     . DC  B 2 2  ? 8.433   7.551   -1.757  1.00 0.38 ? 2  DC  B N3     1 
ATOM   393 C C4     . DC  B 2 2  ? 9.299   6.546   -1.903  1.00 0.42 ? 2  DC  B C4     1 
ATOM   394 N N4     . DC  B 2 2  ? 9.326   5.843   -3.147  1.00 0.40 ? 2  DC  B N4     1 
ATOM   395 C C5     . DC  B 2 2  ? 10.187  6.175   -0.849  1.00 0.49 ? 2  DC  B C5     1 
ATOM   396 C C6     . DC  B 2 2  ? 10.112  6.885   0.296   1.00 0.52 ? 2  DC  B C6     1 
ATOM   397 H "H5'"  . DC  B 2 2  ? 12.882  8.945   2.892   1.00 0.79 ? 2  DC  B "H5'"  1 
ATOM   398 H "H5''" . DC  B 2 2  ? 12.325  8.431   4.495   1.00 0.83 ? 2  DC  B "H5''" 1 
ATOM   399 H "H4'"  . DC  B 2 2  ? 10.992  10.286  3.627   1.00 0.75 ? 2  DC  B "H4'"  1 
ATOM   400 H "H3'"  . DC  B 2 2  ? 9.888   8.192   4.879   1.00 0.74 ? 2  DC  B "H3'"  1 
ATOM   401 H "H2'"  . DC  B 2 2  ? 9.688   6.974   2.842   1.00 0.61 ? 2  DC  B "H2'"  1 
ATOM   402 H "H2''" . DC  B 2 2  ? 7.979   7.475   3.097   1.00 0.57 ? 2  DC  B "H2''" 1 
ATOM   403 H "H1'"  . DC  B 2 2  ? 8.322   9.414   1.674   1.00 0.52 ? 2  DC  B "H1'"  1 
ATOM   404 H H41    . DC  B 2 2  ? 8.699   6.147   -3.880  1.00 0.36 ? 2  DC  B H41    1 
ATOM   405 H H42    . DC  B 2 2  ? 9.957   5.065   -3.280  1.00 0.44 ? 2  DC  B H42    1 
ATOM   406 H H5     . DC  B 2 2  ? 10.895  5.354   -0.964  1.00 0.53 ? 2  DC  B H5     1 
ATOM   407 H H6     . DC  B 2 2  ? 10.782  6.624   1.115   1.00 0.58 ? 2  DC  B H6     1 
ATOM   408 P P      . DA  B 2 3  ? 7.242   9.589   5.035   1.00 0.69 ? 3  DA  B P      1 
ATOM   409 O OP1    . DA  B 2 3  ? 6.993   10.664  6.022   1.00 0.77 ? 3  DA  B OP1    1 
ATOM   410 O OP2    . DA  B 2 3  ? 7.100   8.173   5.446   1.00 0.69 ? 3  DA  B OP2    1 
ATOM   411 O "O5'"  . DA  B 2 3  ? 6.292   9.832   3.753   1.00 0.59 ? 3  DA  B "O5'"  1 
ATOM   412 C "C5'"  . DA  B 2 3  ? 5.995   11.156  3.276   1.00 0.58 ? 3  DA  B "C5'"  1 
ATOM   413 C "C4'"  . DA  B 2 3  ? 4.832   11.174  2.280   1.00 0.51 ? 3  DA  B "C4'"  1 
ATOM   414 O "O4'"  . DA  B 2 3  ? 5.097   10.447  1.066   1.00 0.44 ? 3  DA  B "O4'"  1 
ATOM   415 C "C3'"  . DA  B 2 3  ? 3.524   10.609  2.845   1.00 0.54 ? 3  DA  B "C3'"  1 
ATOM   416 O "O3'"  . DA  B 2 3  ? 2.403   11.401  2.419   1.00 0.54 ? 3  DA  B "O3'"  1 
ATOM   417 C "C2'"  . DA  B 2 3  ? 3.572   9.191   2.307   1.00 0.49 ? 3  DA  B "C2'"  1 
ATOM   418 C "C1'"  . DA  B 2 3  ? 4.060   9.467   0.891   1.00 0.41 ? 3  DA  B "C1'"  1 
ATOM   419 N N9     . DA  B 2 3  ? 4.671   8.292   0.235   1.00 0.36 ? 3  DA  B N9     1 
ATOM   420 C C8     . DA  B 2 3  ? 5.575   7.397   0.727   1.00 0.37 ? 3  DA  B C8     1 
ATOM   421 N N7     . DA  B 2 3  ? 5.968   6.469   -0.094  1.00 0.32 ? 3  DA  B N7     1 
ATOM   422 C C5     . DA  B 2 3  ? 5.252   6.779   -1.249  1.00 0.27 ? 3  DA  B C5     1 
ATOM   423 C C6     . DA  B 2 3  ? 5.201   6.185   -2.514  1.00 0.21 ? 3  DA  B C6     1 
ATOM   424 N N6     . DA  B 2 3  ? 5.976   5.037   -2.864  1.00 0.20 ? 3  DA  B N6     1 
ATOM   425 N N1     . DA  B 2 3  ? 4.389   6.739   -3.424  1.00 0.17 ? 3  DA  B N1     1 
ATOM   426 C C2     . DA  B 2 3  ? 3.673   7.811   -3.111  1.00 0.21 ? 3  DA  B C2     1 
ATOM   427 N N3     . DA  B 2 3  ? 3.636   8.459   -1.959  1.00 0.27 ? 3  DA  B N3     1 
ATOM   428 C C4     . DA  B 2 3  ? 4.461   7.882   -1.057  1.00 0.29 ? 3  DA  B C4     1 
ATOM   429 H "H5'"  . DA  B 2 3  ? 6.880   11.562  2.786   1.00 0.58 ? 3  DA  B "H5'"  1 
ATOM   430 H "H5''" . DA  B 2 3  ? 5.737   11.791  4.123   1.00 0.64 ? 3  DA  B "H5''" 1 
ATOM   431 H "H4'"  . DA  B 2 3  ? 4.644   12.213  2.007   1.00 0.53 ? 3  DA  B "H4'"  1 
ATOM   432 H "H3'"  . DA  B 2 3  ? 3.545   10.635  3.936   1.00 0.60 ? 3  DA  B "H3'"  1 
ATOM   433 H "H2'"  . DA  B 2 3  ? 4.363   8.654   2.831   1.00 0.52 ? 3  DA  B "H2'"  1 
ATOM   434 H "H2''" . DA  B 2 3  ? 2.626   8.651   2.336   1.00 0.51 ? 3  DA  B "H2''" 1 
ATOM   435 H "H1'"  . DA  B 2 3  ? 3.244   9.875   0.293   1.00 0.40 ? 3  DA  B "H1'"  1 
ATOM   436 H H8     . DA  B 2 3  ? 5.951   7.452   1.748   1.00 0.42 ? 3  DA  B H8     1 
ATOM   437 H H61    . DA  B 2 3  ? 5.928   4.682   -3.808  1.00 0.17 ? 3  DA  B H61    1 
ATOM   438 H H62    . DA  B 2 3  ? 6.562   4.597   -2.168  1.00 0.23 ? 3  DA  B H62    1 
ATOM   439 H H2     . DA  B 2 3  ? 3.036   8.208   -3.901  1.00 0.20 ? 3  DA  B H2     1 
ATOM   440 P P      . DT  B 2 4  ? 0.879   11.098  2.867   1.00 0.59 ? 4  DT  B P      1 
ATOM   441 O OP1    . DT  B 2 4  ? 0.207   12.397  3.103   1.00 0.64 ? 4  DT  B OP1    1 
ATOM   442 O OP2    . DT  B 2 4  ? 0.887   10.077  3.940   1.00 0.64 ? 4  DT  B OP2    1 
ATOM   443 O "O5'"  . DT  B 2 4  ? 0.242   10.422  1.548   1.00 0.54 ? 4  DT  B "O5'"  1 
ATOM   444 C "C5'"  . DT  B 2 4  ? -0.161  11.208  0.415   1.00 0.52 ? 4  DT  B "C5'"  1 
ATOM   445 C "C4'"  . DT  B 2 4  ? -0.747  10.354  -0.712  1.00 0.49 ? 4  DT  B "C4'"  1 
ATOM   446 O "O4'"  . DT  B 2 4  ? 0.203   9.411   -1.250  1.00 0.42 ? 4  DT  B "O4'"  1 
ATOM   447 C "C3'"  . DT  B 2 4  ? -1.988  9.543   -0.302  1.00 0.53 ? 4  DT  B "C3'"  1 
ATOM   448 O "O3'"  . DT  B 2 4  ? -2.999  9.570   -1.323  1.00 0.55 ? 4  DT  B "O3'"  1 
ATOM   449 C "C2'"  . DT  B 2 4  ? -1.369  8.182   -0.063  1.00 0.51 ? 4  DT  B "C2'"  1 
ATOM   450 C "C1'"  . DT  B 2 4  ? -0.419  8.120   -1.257  1.00 0.43 ? 4  DT  B "C1'"  1 
ATOM   451 N N1     . DT  B 2 4  ? 0.605   7.043   -1.179  1.00 0.38 ? 4  DT  B N1     1 
ATOM   452 C C2     . DT  B 2 4  ? 0.901   6.356   -2.348  1.00 0.32 ? 4  DT  B C2     1 
ATOM   453 O O2     . DT  B 2 4  ? 0.373   6.588   -3.432  1.00 0.31 ? 4  DT  B O2     1 
ATOM   454 N N3     . DT  B 2 4  ? 1.851   5.366   -2.240  1.00 0.28 ? 4  DT  B N3     1 
ATOM   455 C C4     . DT  B 2 4  ? 2.523   4.996   -1.098  1.00 0.31 ? 4  DT  B C4     1 
ATOM   456 O O4     . DT  B 2 4  ? 3.351   4.091   -1.155  1.00 0.28 ? 4  DT  B O4     1 
ATOM   457 C C5     . DT  B 2 4  ? 2.161   5.756   0.077   1.00 0.37 ? 4  DT  B C5     1 
ATOM   458 C C7     . DT  B 2 4  ? 2.827   5.450   1.423   1.00 0.42 ? 4  DT  B C7     1 
ATOM   459 C C6     . DT  B 2 4  ? 1.235   6.733   0.002   1.00 0.40 ? 4  DT  B C6     1 
ATOM   460 H "H5'"  . DT  B 2 4  ? 0.704   11.742  0.024   1.00 0.49 ? 4  DT  B "H5'"  1 
ATOM   461 H "H5''" . DT  B 2 4  ? -0.911  11.933  0.732   1.00 0.57 ? 4  DT  B "H5''" 1 
ATOM   462 H "H4'"  . DT  B 2 4  ? -1.052  11.019  -1.520  1.00 0.49 ? 4  DT  B "H4'"  1 
ATOM   463 H "H3'"  . DT  B 2 4  ? -2.427  9.960   0.605   1.00 0.58 ? 4  DT  B "H3'"  1 
ATOM   464 H "H2'"  . DT  B 2 4  ? -0.776  8.243   0.849   1.00 0.52 ? 4  DT  B "H2'"  1 
ATOM   465 H "H2''" . DT  B 2 4  ? -2.076  7.352   -0.035  1.00 0.54 ? 4  DT  B "H2''" 1 
ATOM   466 H "H1'"  . DT  B 2 4  ? -1.013  8.012   -2.164  1.00 0.44 ? 4  DT  B "H1'"  1 
ATOM   467 H H3     . DT  B 2 4  ? 2.071   4.859   -3.084  1.00 0.25 ? 4  DT  B H3     1 
ATOM   468 H H71    . DT  B 2 4  ? 3.575   4.668   1.304   1.00 0.60 ? 4  DT  B H71    1 
ATOM   469 H H72    . DT  B 2 4  ? 3.307   6.349   1.813   1.00 0.65 ? 4  DT  B H72    1 
ATOM   470 H H73    . DT  B 2 4  ? 2.071   5.116   2.134   1.00 0.72 ? 4  DT  B H73    1 
ATOM   471 H H6     . DT  B 2 4  ? 0.995   7.282   0.911   1.00 0.46 ? 4  DT  B H6     1 
ATOM   472 P P      . DG  B 2 5  ? -4.407  8.782   -1.201  1.00 0.61 ? 5  DG  B P      1 
ATOM   473 O OP1    . DG  B 2 5  ? -5.485  9.705   -1.630  1.00 0.71 ? 5  DG  B OP1    1 
ATOM   474 O OP2    . DG  B 2 5  ? -4.487  8.140   0.132   1.00 0.68 ? 5  DG  B OP2    1 
ATOM   475 O "O5'"  . DG  B 2 5  ? -4.264  7.613   -2.303  1.00 0.51 ? 5  DG  B "O5'"  1 
ATOM   476 C "C5'"  . DG  B 2 5  ? -4.394  7.883   -3.708  1.00 0.49 ? 5  DG  B "C5'"  1 
ATOM   477 C "C4'"  . DG  B 2 5  ? -4.300  6.620   -4.574  1.00 0.43 ? 5  DG  B "C4'"  1 
ATOM   478 O "O4'"  . DG  B 2 5  ? -3.026  5.957   -4.452  1.00 0.38 ? 5  DG  B "O4'"  1 
ATOM   479 C "C3'"  . DG  B 2 5  ? -5.358  5.557   -4.252  1.00 0.44 ? 5  DG  B "C3'"  1 
ATOM   480 O "O3'"  . DG  B 2 5  ? -5.740  4.870   -5.459  1.00 0.44 ? 5  DG  B "O3'"  1 
ATOM   481 C "C2'"  . DG  B 2 5  ? -4.585  4.703   -3.264  1.00 0.43 ? 5  DG  B "C2'"  1 
ATOM   482 C "C1'"  . DG  B 2 5  ? -3.265  4.609   -4.018  1.00 0.38 ? 5  DG  B "C1'"  1 
ATOM   483 N N9     . DG  B 2 5  ? -2.125  4.133   -3.207  1.00 0.36 ? 5  DG  B N9     1 
ATOM   484 C C8     . DG  B 2 5  ? -1.702  4.521   -1.970  1.00 0.37 ? 5  DG  B C8     1 
ATOM   485 N N7     . DG  B 2 5  ? -0.637  3.926   -1.515  1.00 0.36 ? 5  DG  B N7     1 
ATOM   486 C C5     . DG  B 2 5  ? -0.321  3.054   -2.556  1.00 0.34 ? 5  DG  B C5     1 
ATOM   487 C C6     . DG  B 2 5  ? 0.743   2.122   -2.671  1.00 0.33 ? 5  DG  B C6     1 
ATOM   488 O O6     . DG  B 2 5  ? 1.644   1.873   -1.875  1.00 0.33 ? 5  DG  B O6     1 
ATOM   489 N N1     . DG  B 2 5  ? 0.701   1.441   -3.873  1.00 0.32 ? 5  DG  B N1     1 
ATOM   490 C C2     . DG  B 2 5  ? -0.246  1.625   -4.855  1.00 0.32 ? 5  DG  B C2     1 
ATOM   491 N N2     . DG  B 2 5  ? -0.142  0.815   -6.018  1.00 0.32 ? 5  DG  B N2     1 
ATOM   492 N N3     . DG  B 2 5  ? -1.245  2.497   -4.754  1.00 0.33 ? 5  DG  B N3     1 
ATOM   493 C C4     . DG  B 2 5  ? -1.222  3.173   -3.585  1.00 0.34 ? 5  DG  B C4     1 
ATOM   494 H "H5'"  . DG  B 2 5  ? -3.604  8.568   -4.014  1.00 0.49 ? 5  DG  B "H5'"  1 
ATOM   495 H "H5''" . DG  B 2 5  ? -5.359  8.356   -3.888  1.00 0.54 ? 5  DG  B "H5''" 1 
ATOM   496 H "H4'"  . DG  B 2 5  ? -4.429  6.913   -5.617  1.00 0.45 ? 5  DG  B "H4'"  1 
ATOM   497 H "H3'"  . DG  B 2 5  ? -6.251  6.012   -3.822  1.00 0.48 ? 5  DG  B "H3'"  1 
ATOM   498 H "H2'"  . DG  B 2 5  ? -4.423  5.272   -2.349  1.00 0.44 ? 5  DG  B "H2'"  1 
ATOM   499 H "H2''" . DG  B 2 5  ? -5.035  3.732   -3.059  1.00 0.44 ? 5  DG  B "H2''" 1 
ATOM   500 H "H1'"  . DG  B 2 5  ? -3.401  3.964   -4.886  1.00 0.38 ? 5  DG  B "H1'"  1 
ATOM   501 H H8     . DG  B 2 5  ? -2.223  5.287   -1.394  1.00 0.39 ? 5  DG  B H8     1 
ATOM   502 H H1     . DG  B 2 5  ? 1.445   0.771   -3.998  1.00 0.32 ? 5  DG  B H1     1 
ATOM   503 H H21    . DG  B 2 5  ? 0.692   0.265   -6.169  1.00 0.31 ? 5  DG  B H21    1 
ATOM   504 H H22    . DG  B 2 5  ? -0.918  0.817   -6.664  1.00 0.33 ? 5  DG  B H22    1 
ATOM   505 P P      . DC  B 2 6  ? -6.719  3.585   -5.525  1.00 0.47 ? 6  DC  B P      1 
ATOM   506 O OP1    . DC  B 2 6  ? -7.692  3.805   -6.620  1.00 0.52 ? 6  DC  B OP1    1 
ATOM   507 O OP2    . DC  B 2 6  ? -7.212  3.285   -4.160  1.00 0.50 ? 6  DC  B OP2    1 
ATOM   508 O "O5'"  . DC  B 2 6  ? -5.719  2.396   -5.960  1.00 0.45 ? 6  DC  B "O5'"  1 
ATOM   509 C "C5'"  . DC  B 2 6  ? -5.145  2.311   -7.276  1.00 0.44 ? 6  DC  B "C5'"  1 
ATOM   510 C "C4'"  . DC  B 2 6  ? -4.369  1.003   -7.507  1.00 0.44 ? 6  DC  B "C4'"  1 
ATOM   511 O "O4'"  . DC  B 2 6  ? -3.293  0.855   -6.561  1.00 0.41 ? 6  DC  B "O4'"  1 
ATOM   512 C "C3'"  . DC  B 2 6  ? -5.224  -0.265  -7.364  1.00 0.47 ? 6  DC  B "C3'"  1 
ATOM   513 O "O3'"  . DC  B 2 6  ? -4.688  -1.362  -8.123  1.00 0.49 ? 6  DC  B "O3'"  1 
ATOM   514 C "C2'"  . DC  B 2 6  ? -5.124  -0.474  -5.868  1.00 0.47 ? 6  DC  B "C2'"  1 
ATOM   515 C "C1'"  . DC  B 2 6  ? -3.625  -0.228  -5.672  1.00 0.43 ? 6  DC  B "C1'"  1 
ATOM   516 N N1     . DC  B 2 6  ? -3.259  0.141   -4.276  1.00 0.42 ? 6  DC  B N1     1 
ATOM   517 C C2     . DC  B 2 6  ? -2.144  -0.467  -3.712  1.00 0.40 ? 6  DC  B C2     1 
ATOM   518 O O2     . DC  B 2 6  ? -1.472  -1.283  -4.336  1.00 0.39 ? 6  DC  B O2     1 
ATOM   519 N N3     . DC  B 2 6  ? -1.798  -0.137  -2.444  1.00 0.40 ? 6  DC  B N3     1 
ATOM   520 C C4     . DC  B 2 6  ? -2.510  0.752   -1.743  1.00 0.41 ? 6  DC  B C4     1 
ATOM   521 N N4     . DC  B 2 6  ? -2.104  1.072   -0.411  1.00 0.42 ? 6  DC  B N4     1 
ATOM   522 C C5     . DC  B 2 6  ? -3.659  1.388   -2.303  1.00 0.43 ? 6  DC  B C5     1 
ATOM   523 C C6     . DC  B 2 6  ? -3.995  1.054   -3.564  1.00 0.43 ? 6  DC  B C6     1 
ATOM   524 H "H5'"  . DC  B 2 6  ? -4.457  3.146   -7.412  1.00 0.42 ? 6  DC  B "H5'"  1 
ATOM   525 H "H5''" . DC  B 2 6  ? -5.938  2.384   -8.020  1.00 0.47 ? 6  DC  B "H5''" 1 
ATOM   526 H "H4'"  . DC  B 2 6  ? -3.944  1.029   -8.511  1.00 0.44 ? 6  DC  B "H4'"  1 
ATOM   527 H "H3'"  . DC  B 2 6  ? -6.243  -0.075  -7.701  1.00 0.50 ? 6  DC  B "H3'"  1 
ATOM   528 H "H2'"  . DC  B 2 6  ? -5.691  0.329   -5.397  1.00 0.47 ? 6  DC  B "H2'"  1 
ATOM   529 H "H2''" . DC  B 2 6  ? -5.448  -1.450  -5.509  1.00 0.50 ? 6  DC  B "H2''" 1 
ATOM   530 H "H1'"  . DC  B 2 6  ? -3.088  -1.123  -5.986  1.00 0.42 ? 6  DC  B "H1'"  1 
ATOM   531 H H41    . DC  B 2 6  ? -1.282  0.622   -0.035  1.00 0.43 ? 6  DC  B H41    1 
ATOM   532 H H42    . DC  B 2 6  ? -2.636  1.736   0.132   1.00 0.44 ? 6  DC  B H42    1 
ATOM   533 H H5     . DC  B 2 6  ? -4.240  2.111   -1.731  1.00 0.45 ? 6  DC  B H5     1 
ATOM   534 H H6     . DC  B 2 6  ? -4.867  1.533   -4.009  1.00 0.46 ? 6  DC  B H6     1 
ATOM   535 P P      . DG  B 2 7  ? -5.437  -2.792  -8.235  1.00 0.51 ? 7  DG  B P      1 
ATOM   536 O OP1    . DG  B 2 7  ? -5.681  -3.070  -9.670  1.00 0.56 ? 7  DG  B OP1    1 
ATOM   537 O OP2    . DG  B 2 7  ? -6.574  -2.819  -7.286  1.00 0.64 ? 7  DG  B OP2    1 
ATOM   538 O "O5'"  . DG  B 2 7  ? -4.324  -3.825  -7.693  1.00 0.39 ? 7  DG  B "O5'"  1 
ATOM   539 C "C5'"  . DG  B 2 7  ? -3.216  -4.255  -8.500  1.00 0.33 ? 7  DG  B "C5'"  1 
ATOM   540 C "C4'"  . DG  B 2 7  ? -2.343  -5.301  -7.795  1.00 0.30 ? 7  DG  B "C4'"  1 
ATOM   541 O "O4'"  . DG  B 2 7  ? -1.749  -4.787  -6.584  1.00 0.32 ? 7  DG  B "O4'"  1 
ATOM   542 C "C3'"  . DG  B 2 7  ? -3.102  -6.571  -7.387  1.00 0.32 ? 7  DG  B "C3'"  1 
ATOM   543 O "O3'"  . DG  B 2 7  ? -2.246  -7.725  -7.459  1.00 0.36 ? 7  DG  B "O3'"  1 
ATOM   544 C "C2'"  . DG  B 2 7  ? -3.521  -6.189  -5.981  1.00 0.33 ? 7  DG  B "C2'"  1 
ATOM   545 C "C1'"  . DG  B 2 7  ? -2.215  -5.581  -5.481  1.00 0.32 ? 7  DG  B "C1'"  1 
ATOM   546 N N9     . DG  B 2 7  ? -2.396  -4.717  -4.295  1.00 0.32 ? 7  DG  B N9     1 
ATOM   547 C C8     . DG  B 2 7  ? -3.305  -3.724  -4.071  1.00 0.32 ? 7  DG  B C8     1 
ATOM   548 N N7     . DG  B 2 7  ? -3.220  -3.115  -2.925  1.00 0.32 ? 7  DG  B N7     1 
ATOM   549 C C5     . DG  B 2 7  ? -2.144  -3.767  -2.324  1.00 0.32 ? 7  DG  B C5     1 
ATOM   550 C C6     . DG  B 2 7  ? -1.552  -3.558  -1.054  1.00 0.32 ? 7  DG  B C6     1 
ATOM   551 O O6     . DG  B 2 7  ? -1.853  -2.742  -0.185  1.00 0.33 ? 7  DG  B O6     1 
ATOM   552 N N1     . DG  B 2 7  ? -0.497  -4.421  -0.834  1.00 0.32 ? 7  DG  B N1     1 
ATOM   553 C C2     . DG  B 2 7  ? -0.051  -5.376  -1.720  1.00 0.32 ? 7  DG  B C2     1 
ATOM   554 N N2     . DG  B 2 7  ? 1.050   -6.174  -1.298  1.00 0.33 ? 7  DG  B N2     1 
ATOM   555 N N3     . DG  B 2 7  ? -0.601  -5.578  -2.916  1.00 0.32 ? 7  DG  B N3     1 
ATOM   556 C C4     . DG  B 2 7  ? -1.638  -4.743  -3.152  1.00 0.31 ? 7  DG  B C4     1 
ATOM   557 H "H5'"  . DG  B 2 7  ? -2.595  -3.392  -8.743  1.00 0.34 ? 7  DG  B "H5'"  1 
ATOM   558 H "H5''" . DG  B 2 7  ? -3.599  -4.685  -9.425  1.00 0.36 ? 7  DG  B "H5''" 1 
ATOM   559 H "H4'"  . DG  B 2 7  ? -1.539  -5.588  -8.473  1.00 0.32 ? 7  DG  B "H4'"  1 
ATOM   560 H "H3'"  . DG  B 2 7  ? -3.949  -6.739  -8.053  1.00 0.33 ? 7  DG  B "H3'"  1 
ATOM   561 H "H2'"  . DG  B 2 7  ? -4.264  -5.394  -6.047  1.00 0.33 ? 7  DG  B "H2'"  1 
ATOM   562 H "H2''" . DG  B 2 7  ? -3.870  -7.017  -5.364  1.00 0.36 ? 7  DG  B "H2''" 1 
ATOM   563 H "H1'"  . DG  B 2 7  ? -1.504  -6.380  -5.270  1.00 0.34 ? 7  DG  B "H1'"  1 
ATOM   564 H H8     . DG  B 2 7  ? -4.061  -3.454  -4.808  1.00 0.33 ? 7  DG  B H8     1 
ATOM   565 H H1     . DG  B 2 7  ? -0.047  -4.301  0.062   1.00 0.33 ? 7  DG  B H1     1 
ATOM   566 H H21    . DG  B 2 7  ? 1.474   -5.976  -0.403  1.00 0.33 ? 7  DG  B H21    1 
ATOM   567 H H22    . DG  B 2 7  ? 1.383   -6.918  -1.895  1.00 0.34 ? 7  DG  B H22    1 
ATOM   568 P P      . DT  B 2 8  ? -2.699  -9.211  -7.009  1.00 0.40 ? 8  DT  B P      1 
ATOM   569 O OP1    . DT  B 2 8  ? -2.077  -10.181 -7.940  1.00 0.48 ? 8  DT  B OP1    1 
ATOM   570 O OP2    . DT  B 2 8  ? -4.168  -9.226  -6.817  1.00 0.46 ? 8  DT  B OP2    1 
ATOM   571 O "O5'"  . DT  B 2 8  ? -2.009  -9.374  -5.559  1.00 0.33 ? 8  DT  B "O5'"  1 
ATOM   572 C "C5'"  . DT  B 2 8  ? -0.596  -9.593  -5.414  1.00 0.32 ? 8  DT  B "C5'"  1 
ATOM   573 C "C4'"  . DT  B 2 8  ? -0.184  -9.833  -3.959  1.00 0.28 ? 8  DT  B "C4'"  1 
ATOM   574 O "O4'"  . DT  B 2 8  ? -0.453  -8.707  -3.099  1.00 0.26 ? 8  DT  B "O4'"  1 
ATOM   575 C "C3'"  . DT  B 2 8  ? -0.868  -11.046 -3.314  1.00 0.27 ? 8  DT  B "C3'"  1 
ATOM   576 O "O3'"  . DT  B 2 8  ? 0.048   -11.793 -2.496  1.00 0.29 ? 8  DT  B "O3'"  1 
ATOM   577 C "C2'"  . DT  B 2 8  ? -1.995  -10.370 -2.561  1.00 0.25 ? 8  DT  B "C2'"  1 
ATOM   578 C "C1'"  . DT  B 2 8  ? -1.239  -9.174  -1.990  1.00 0.24 ? 8  DT  B "C1'"  1 
ATOM   579 N N1     . DT  B 2 8  ? -2.112  -8.079  -1.494  1.00 0.23 ? 8  DT  B N1     1 
ATOM   580 C C2     . DT  B 2 8  ? -1.793  -7.504  -0.272  1.00 0.23 ? 8  DT  B C2     1 
ATOM   581 O O2     . DT  B 2 8  ? -0.843  -7.852  0.424   1.00 0.24 ? 8  DT  B O2     1 
ATOM   582 N N3     . DT  B 2 8  ? -2.619  -6.487  0.147   1.00 0.24 ? 8  DT  B N3     1 
ATOM   583 C C4     . DT  B 2 8  ? -3.716  -5.992  -0.520  1.00 0.23 ? 8  DT  B C4     1 
ATOM   584 O O4     . DT  B 2 8  ? -4.355  -5.071  -0.023  1.00 0.25 ? 8  DT  B O4     1 
ATOM   585 C C5     . DT  B 2 8  ? -3.985  -6.641  -1.782  1.00 0.23 ? 8  DT  B C5     1 
ATOM   586 C C7     . DT  B 2 8  ? -5.184  -6.198  -2.626  1.00 0.24 ? 8  DT  B C7     1 
ATOM   587 C C6     . DT  B 2 8  ? -3.194  -7.640  -2.221  1.00 0.23 ? 8  DT  B C6     1 
ATOM   588 H "H5'"  . DT  B 2 8  ? -0.061  -8.718  -5.785  1.00 0.34 ? 8  DT  B "H5'"  1 
ATOM   589 H "H5''" . DT  B 2 8  ? -0.306  -10.460 -6.008  1.00 0.35 ? 8  DT  B "H5''" 1 
ATOM   590 H "H4'"  . DT  B 2 8  ? 0.890   -10.017 -3.937  1.00 0.30 ? 8  DT  B "H4'"  1 
ATOM   591 H "H3'"  . DT  B 2 8  ? -1.237  -11.721 -4.086  1.00 0.28 ? 8  DT  B "H3'"  1 
ATOM   592 H "H2'"  . DT  B 2 8  ? -2.714  -10.008 -3.296  1.00 0.26 ? 8  DT  B "H2'"  1 
ATOM   593 H "H2''" . DT  B 2 8  ? -2.471  -10.980 -1.793  1.00 0.26 ? 8  DT  B "H2''" 1 
ATOM   594 H "H1'"  . DT  B 2 8  ? -0.576  -9.528  -1.200  1.00 0.25 ? 8  DT  B "H1'"  1 
ATOM   595 H H3     . DT  B 2 8  ? -2.396  -6.063  1.035   1.00 0.25 ? 8  DT  B H3     1 
ATOM   596 H H71    . DT  B 2 8  ? -5.877  -7.032  -2.739  1.00 0.72 ? 8  DT  B H71    1 
ATOM   597 H H72    . DT  B 2 8  ? -5.699  -5.369  -2.142  1.00 0.67 ? 8  DT  B H72    1 
ATOM   598 H H73    . DT  B 2 8  ? -4.849  -5.879  -3.614  1.00 0.72 ? 8  DT  B H73    1 
ATOM   599 H H6     . DT  B 2 8  ? -3.427  -8.100  -3.180  1.00 0.24 ? 8  DT  B H6     1 
ATOM   600 P P      . DA  B 2 9  ? -0.395  -13.110 -1.669  1.00 0.31 ? 9  DA  B P      1 
ATOM   601 O OP1    . DA  B 2 9  ? 0.742   -14.059 -1.679  1.00 0.38 ? 9  DA  B OP1    1 
ATOM   602 O OP2    . DA  B 2 9  ? -1.718  -13.559 -2.160  1.00 0.34 ? 9  DA  B OP2    1 
ATOM   603 O "O5'"  . DA  B 2 9  ? -0.591  -12.553 -0.167  1.00 0.26 ? 9  DA  B "O5'"  1 
ATOM   604 C "C5'"  . DA  B 2 9  ? 0.512   -12.424 0.745   1.00 0.27 ? 9  DA  B "C5'"  1 
ATOM   605 C "C4'"  . DA  B 2 9  ? 0.063   -12.068 2.165   1.00 0.27 ? 9  DA  B "C4'"  1 
ATOM   606 O "O4'"  . DA  B 2 9  ? -0.561  -10.771 2.268   1.00 0.25 ? 9  DA  B "O4'"  1 
ATOM   607 C "C3'"  . DA  B 2 9  ? -0.923  -13.078 2.774   1.00 0.29 ? 9  DA  B "C3'"  1 
ATOM   608 O "O3'"  . DA  B 2 9  ? -0.561  -13.392 4.130   1.00 0.32 ? 9  DA  B "O3'"  1 
ATOM   609 C "C2'"  . DA  B 2 9  ? -2.235  -12.336 2.601   1.00 0.26 ? 9  DA  B "C2'"  1 
ATOM   610 C "C1'"  . DA  B 2 9  ? -1.793  -10.931 2.987   1.00 0.24 ? 9  DA  B "C1'"  1 
ATOM   611 N N9     . DA  B 2 9  ? -2.754  -9.887  2.572   1.00 0.21 ? 9  DA  B N9     1 
ATOM   612 C C8     . DA  B 2 9  ? -3.434  -9.749  1.396   1.00 0.21 ? 9  DA  B C8     1 
ATOM   613 N N7     . DA  B 2 9  ? -4.217  -8.717  1.304   1.00 0.21 ? 9  DA  B N7     1 
ATOM   614 C C5     . DA  B 2 9  ? -4.043  -8.106  2.544   1.00 0.21 ? 9  DA  B C5     1 
ATOM   615 C C6     . DA  B 2 9  ? -4.591  -6.949  3.110   1.00 0.22 ? 9  DA  B C6     1 
ATOM   616 N N6     . DA  B 2 9  ? -5.525  -6.114  2.423   1.00 0.26 ? 9  DA  B N6     1 
ATOM   617 N N1     . DA  B 2 9  ? -4.207  -6.631  4.353   1.00 0.22 ? 9  DA  B N1     1 
ATOM   618 C C2     . DA  B 2 9  ? -3.339  -7.398  5.000   1.00 0.21 ? 9  DA  B C2     1 
ATOM   619 N N3     . DA  B 2 9  ? -2.755  -8.507  4.574   1.00 0.21 ? 9  DA  B N3     1 
ATOM   620 C C4     . DA  B 2 9  ? -3.158  -8.809  3.320   1.00 0.21 ? 9  DA  B C4     1 
ATOM   621 H "H5'"  . DA  B 2 9  ? 1.189   -11.649 0.388   1.00 0.28 ? 9  DA  B "H5'"  1 
ATOM   622 H "H5''" . DA  B 2 9  ? 1.050   -13.372 0.782   1.00 0.32 ? 9  DA  B "H5''" 1 
ATOM   623 H "H4'"  . DA  B 2 9  ? 0.946   -12.061 2.804   1.00 0.31 ? 9  DA  B "H4'"  1 
ATOM   624 H "H3'"  . DA  B 2 9  ? -0.904  -14.009 2.208   1.00 0.31 ? 9  DA  B "H3'"  1 
ATOM   625 H "H2'"  . DA  B 2 9  ? -2.486  -12.319 1.540   1.00 0.25 ? 9  DA  B "H2'"  1 
ATOM   626 H "H2''" . DA  B 2 9  ? -3.059  -12.708 3.210   1.00 0.28 ? 9  DA  B "H2''" 1 
ATOM   627 H "H1'"  . DA  B 2 9  ? -1.612  -10.886 4.061   1.00 0.26 ? 9  DA  B "H1'"  1 
ATOM   628 H H8     . DA  B 2 9  ? -3.326  -10.459 0.577   1.00 0.22 ? 9  DA  B H8     1 
ATOM   629 H H61    . DA  B 2 9  ? -5.867  -5.277  2.870   1.00 0.28 ? 9  DA  B H61    1 
ATOM   630 H H62    . DA  B 2 9  ? -5.833  -6.368  1.495   1.00 0.27 ? 9  DA  B H62    1 
ATOM   631 H H2     . DA  B 2 9  ? -3.073  -7.076  6.006   1.00 0.22 ? 9  DA  B H2     1 
ATOM   632 P P      . DC  B 2 10 ? -1.442  -14.334 5.108   1.00 0.35 ? 10 DC  B P      1 
ATOM   633 O OP1    . DC  B 2 10 ? -0.514  -15.227 5.840   1.00 0.40 ? 10 DC  B OP1    1 
ATOM   634 O OP2    . DC  B 2 10 ? -2.559  -14.922 4.333   1.00 0.41 ? 10 DC  B OP2    1 
ATOM   635 O "O5'"  . DC  B 2 10 ? -2.069  -13.277 6.154   1.00 0.32 ? 10 DC  B "O5'"  1 
ATOM   636 C "C5'"  . DC  B 2 10 ? -1.246  -12.641 7.147   1.00 0.33 ? 10 DC  B "C5'"  1 
ATOM   637 C "C4'"  . DC  B 2 10 ? -2.045  -11.738 8.091   1.00 0.36 ? 10 DC  B "C4'"  1 
ATOM   638 O "O4'"  . DC  B 2 10 ? -2.703  -10.658 7.396   1.00 0.32 ? 10 DC  B "O4'"  1 
ATOM   639 C "C3'"  . DC  B 2 10 ? -3.121  -12.466 8.908   1.00 0.42 ? 10 DC  B "C3'"  1 
ATOM   640 O "O3'"  . DC  B 2 10 ? -3.129  -12.013 10.273  1.00 0.48 ? 10 DC  B "O3'"  1 
ATOM   641 C "C2'"  . DC  B 2 10 ? -4.358  -12.157 8.091   1.00 0.40 ? 10 DC  B "C2'"  1 
ATOM   642 C "C1'"  . DC  B 2 10 ? -4.099  -10.695 7.728   1.00 0.34 ? 10 DC  B "C1'"  1 
ATOM   643 N N1     . DC  B 2 10 ? -4.897  -10.233 6.559   1.00 0.31 ? 10 DC  B N1     1 
ATOM   644 C C2     . DC  B 2 10 ? -5.595  -9.036  6.671   1.00 0.29 ? 10 DC  B C2     1 
ATOM   645 O O2     . DC  B 2 10 ? -5.569  -8.354  7.693   1.00 0.29 ? 10 DC  B O2     1 
ATOM   646 N N3     . DC  B 2 10 ? -6.323  -8.615  5.607   1.00 0.29 ? 10 DC  B N3     1 
ATOM   647 C C4     . DC  B 2 10 ? -6.377  -9.322  4.477   1.00 0.31 ? 10 DC  B C4     1 
ATOM   648 N N4     . DC  B 2 10 ? -7.166  -8.819  3.394   1.00 0.34 ? 10 DC  B N4     1 
ATOM   649 C C5     . DC  B 2 10 ? -5.669  -10.555 4.340   1.00 0.33 ? 10 DC  B C5     1 
ATOM   650 C C6     . DC  B 2 10 ? -4.946  -10.969 5.400   1.00 0.33 ? 10 DC  B C6     1 
ATOM   651 H "H5'"  . DC  B 2 10 ? -0.500  -12.027 6.641   1.00 0.33 ? 10 DC  B "H5'"  1 
ATOM   652 H "H5''" . DC  B 2 10 ? -0.735  -13.402 7.736   1.00 0.38 ? 10 DC  B "H5''" 1 
ATOM   653 H "H4'"  . DC  B 2 10 ? -1.346  -11.298 8.802   1.00 0.40 ? 10 DC  B "H4'"  1 
ATOM   654 H "H3'"  . DC  B 2 10 ? -2.909  -13.534 8.929   1.00 0.45 ? 10 DC  B "H3'"  1 
ATOM   655 H "H2'"  . DC  B 2 10 ? -4.293  -12.748 7.178   1.00 0.39 ? 10 DC  B "H2'"  1 
ATOM   656 H "H2''" . DC  B 2 10 ? -5.307  -12.313 8.605   1.00 0.46 ? 10 DC  B "H2''" 1 
ATOM   657 H "H1'"  . DC  B 2 10 ? -4.285  -10.075 8.605   1.00 0.37 ? 10 DC  B "H1'"  1 
ATOM   658 H H41    . DC  B 2 10 ? -7.653  -7.944  3.526   1.00 0.35 ? 10 DC  B H41    1 
ATOM   659 H H42    . DC  B 2 10 ? -7.225  -9.332  2.527   1.00 0.37 ? 10 DC  B H42    1 
ATOM   660 H H5     . DC  B 2 10 ? -5.710  -11.137 3.419   1.00 0.36 ? 10 DC  B H5     1 
ATOM   661 H H6     . DC  B 2 10 ? -4.393  -11.905 5.316   1.00 0.37 ? 10 DC  B H6     1 
ATOM   662 P P      . DG  B 2 11 ? -4.158  -12.558 11.396  1.00 0.57 ? 11 DG  B P      1 
ATOM   663 O OP1    . DG  B 2 11 ? -3.384  -12.863 12.622  1.00 0.66 ? 11 DG  B OP1    1 
ATOM   664 O OP2    . DG  B 2 11 ? -5.020  -13.605 10.799  1.00 0.61 ? 11 DG  B OP2    1 
ATOM   665 O "O5'"  . DG  B 2 11 ? -5.091  -11.277 11.696  1.00 0.56 ? 11 DG  B "O5'"  1 
ATOM   666 C "C5'"  . DG  B 2 11 ? -4.636  -10.197 12.527  1.00 0.58 ? 11 DG  B "C5'"  1 
ATOM   667 C "C4'"  . DG  B 2 11 ? -5.751  -9.199  12.860  1.00 0.59 ? 11 DG  B "C4'"  1 
ATOM   668 O "O4'"  . DG  B 2 11 ? -6.289  -8.585  11.675  1.00 0.52 ? 11 DG  B "O4'"  1 
ATOM   669 C "C3'"  . DG  B 2 11 ? -6.949  -9.831  13.582  1.00 0.66 ? 11 DG  B "C3'"  1 
ATOM   670 O "O3'"  . DG  B 2 11 ? -7.620  -8.871  14.407  1.00 0.71 ? 11 DG  B "O3'"  1 
ATOM   671 C "C2'"  . DG  B 2 11 ? -7.786  -10.250 12.389  1.00 0.62 ? 11 DG  B "C2'"  1 
ATOM   672 C "C1'"  . DG  B 2 11 ? -7.667  -8.975  11.554  1.00 0.54 ? 11 DG  B "C1'"  1 
ATOM   673 N N9     . DG  B 2 11 ? -7.999  -9.170  10.129  1.00 0.48 ? 11 DG  B N9     1 
ATOM   674 C C8     . DG  B 2 11 ? -7.607  -10.150 9.264   1.00 0.45 ? 11 DG  B C8     1 
ATOM   675 N N7     . DG  B 2 11 ? -8.054  -10.053 8.047   1.00 0.42 ? 11 DG  B N7     1 
ATOM   676 C C5     . DG  B 2 11 ? -8.823  -8.891  8.108   1.00 0.43 ? 11 DG  B C5     1 
ATOM   677 C C6     . DG  B 2 11 ? -9.575  -8.250  7.094   1.00 0.43 ? 11 DG  B C6     1 
ATOM   678 O O6     . DG  B 2 11 ? -9.715  -8.570  5.918   1.00 0.43 ? 11 DG  B O6     1 
ATOM   679 N N1     . DG  B 2 11 ? -10.200 -7.111  7.564   1.00 0.45 ? 11 DG  B N1     1 
ATOM   680 C C2     . DG  B 2 11 ? -10.121 -6.632  8.851   1.00 0.48 ? 11 DG  B C2     1 
ATOM   681 N N2     . DG  B 2 11 ? -10.841 -5.433  9.136   1.00 0.51 ? 11 DG  B N2     1 
ATOM   682 N N3     . DG  B 2 11 ? -9.415  -7.229  9.813   1.00 0.49 ? 11 DG  B N3     1 
ATOM   683 C C4     . DG  B 2 11 ? -8.794  -8.349  9.371   1.00 0.46 ? 11 DG  B C4     1 
ATOM   684 H "H5'"  . DG  B 2 11 ? -3.837  -9.664  12.011  1.00 0.55 ? 11 DG  B "H5'"  1 
ATOM   685 H "H5''" . DG  B 2 11 ? -4.243  -10.606 13.457  1.00 0.65 ? 11 DG  B "H5''" 1 
ATOM   686 H "H4'"  . DG  B 2 11 ? -5.332  -8.418  13.493  1.00 0.63 ? 11 DG  B "H4'"  1 
ATOM   687 H "H3'"  . DG  B 2 11 ? -6.637  -10.666 14.208  1.00 0.71 ? 11 DG  B "H3'"  1 
ATOM   688 H "HO3'" . DG  B 2 11 ? -6.961  -8.494  14.994  1.00 0.86 ? 11 DG  B "HO3'" 1 
ATOM   689 H "H2'"  . DG  B 2 11 ? -7.270  -11.056 11.868  1.00 0.61 ? 11 DG  B "H2'"  1 
ATOM   690 H "H2''" . DG  B 2 11 ? -8.818  -10.513 12.616  1.00 0.68 ? 11 DG  B "H2''" 1 
ATOM   691 H "H1'"  . DG  B 2 11 ? -8.304  -8.205  11.989  1.00 0.58 ? 11 DG  B "H1'"  1 
ATOM   692 H H8     . DG  B 2 11 ? -6.956  -10.967 9.573   1.00 0.46 ? 11 DG  B H8     1 
ATOM   693 H H1     . DG  B 2 11 ? -10.750 -6.621  6.872   1.00 0.45 ? 11 DG  B H1     1 
ATOM   694 H H21    . DG  B 2 11 ? -11.392 -5.006  8.407   1.00 0.51 ? 11 DG  B H21    1 
ATOM   695 H H22    . DG  B 2 11 ? -10.791 -5.026  10.059  1.00 0.55 ? 11 DG  B H22    1 
# 
